data_8ZP1
#
_entry.id   8ZP1
#
_cell.length_a   1.00
_cell.length_b   1.00
_cell.length_c   1.00
_cell.angle_alpha   90.00
_cell.angle_beta   90.00
_cell.angle_gamma   90.00
#
_symmetry.space_group_name_H-M   'P 1'
#
loop_
_entity.id
_entity.type
_entity.pdbx_description
1 polymer 'Sodium-dependent noradrenaline transporter'
2 polymer Nb_BB4
3 non-polymer 'CHLORIDE ION'
4 non-polymer (2~{S})-2-[(~{S})-(2-ethoxyphenoxy)-phenyl-methyl]morpholine
5 non-polymer 'SODIUM ION'
6 non-polymer PHOSPHATIDYLETHANOLAMINE
7 water water
#
loop_
_entity_poly.entity_id
_entity_poly.type
_entity_poly.pdbx_seq_one_letter_code
_entity_poly.pdbx_strand_id
1 'polypeptide(L)'
;APRDGDAQPRETWGKKIDFLLSVVGFAVDLANVWRFPYLCYKNGGGAFLIPYTLFLIIAGMPLFYMELALGQYNREGAAT
VWKICPFFKGVGYAVILIALYVGFYYNVIIAWSLYYLFSSFTLNLPWTDCGHTWNSPNCTDPKLLNGSVLGNHTKYSKYK
FTPAAEFYERGVLHLHESSGIHDIGLPQWQLLLCLMVVVIVLYFSLWKGVKTSGKVVWITATLPYFVLFVLLVHGVTLPG
ASNGINAYLHIDFYRLKEATVWIDAATQIFFSLGAGFGVLIAFASYNKFDNNCYRDALLTSSINCITSFVSGFAIFSILG
YMAHEHKVNIEDVATEGAGLVFILYPEAISTLSGSTFWAVVFFVMLLALGLDSSMGGMEAVITGLADDFQVLKRHRKLFT
FGVTFSTFLLALFCITKGGIYVLTLLDTFAAGTSILFAVLMEAIGVSWFYGVDRFSNDIQQMMGFRPGLYWRLCWKFVSP
AFLLFVVVVSIINFKPLTYDDYIFPPWANWVGWGIALSSMVLVPIYVIYKFLSTQGSLWERLAYGITPENEHHLVAQRDI
RQFQLQHWLAI
;
A
2 'polypeptide(L)'
;EVQLVESGGGLVQAGGSLRLSCAASGFPVYQANMYWYRQAPGKEREWVAAIQSEGRTIYADSVKGRFTISRDNSKNTVYL
QMNSLKPEDTAVYYCNVKDAGWASYQYDYWGQGTQVTVSS
;
B
#
# COMPACT_ATOMS: atom_id res chain seq x y z
N GLN A 8 -4.13 9.50 24.54
CA GLN A 8 -5.26 9.66 23.59
C GLN A 8 -5.42 8.40 22.73
N PRO A 9 -6.64 7.85 22.66
CA PRO A 9 -6.86 6.68 21.81
C PRO A 9 -6.70 7.02 20.34
N ARG A 10 -6.32 6.01 19.56
CA ARG A 10 -6.18 6.21 18.12
C ARG A 10 -7.54 6.51 17.49
N GLU A 11 -7.56 7.50 16.62
CA GLU A 11 -8.77 7.87 15.91
C GLU A 11 -9.09 6.84 14.82
N THR A 12 -10.37 6.76 14.48
CA THR A 12 -10.81 5.95 13.36
C THR A 12 -11.09 6.86 12.17
N TRP A 13 -11.15 6.26 10.99
CA TRP A 13 -11.52 7.00 9.79
C TRP A 13 -12.89 7.65 9.99
N GLY A 14 -13.01 8.91 9.57
CA GLY A 14 -14.29 9.58 9.64
C GLY A 14 -15.38 8.88 8.89
N LYS A 15 -15.02 8.12 7.85
CA LYS A 15 -15.97 7.34 7.06
C LYS A 15 -15.24 6.13 6.51
N LYS A 16 -16.00 5.12 6.11
CA LYS A 16 -15.38 4.01 5.39
C LYS A 16 -14.95 4.43 3.99
N ILE A 17 -15.64 5.41 3.41
CA ILE A 17 -15.23 5.92 2.10
C ILE A 17 -13.85 6.56 2.21
N ASP A 18 -13.56 7.21 3.33
CA ASP A 18 -12.23 7.77 3.53
C ASP A 18 -11.16 6.70 3.43
N PHE A 19 -11.33 5.59 4.17
CA PHE A 19 -10.37 4.50 4.12
C PHE A 19 -10.28 3.90 2.72
N LEU A 20 -11.43 3.64 2.10
CA LEU A 20 -11.44 3.01 0.80
C LEU A 20 -10.74 3.87 -0.24
N LEU A 21 -11.00 5.18 -0.22
CA LEU A 21 -10.39 6.08 -1.18
C LEU A 21 -8.91 6.28 -0.91
N SER A 22 -8.50 6.26 0.36
CA SER A 22 -7.06 6.30 0.64
C SER A 22 -6.37 5.07 0.08
N VAL A 23 -6.97 3.89 0.26
CA VAL A 23 -6.39 2.67 -0.28
C VAL A 23 -6.35 2.72 -1.80
N VAL A 24 -7.43 3.17 -2.44
CA VAL A 24 -7.47 3.22 -3.90
C VAL A 24 -6.47 4.24 -4.42
N GLY A 25 -6.37 5.39 -3.76
CA GLY A 25 -5.42 6.40 -4.19
C GLY A 25 -3.98 5.93 -4.08
N PHE A 26 -3.65 5.24 -2.99
CA PHE A 26 -2.30 4.69 -2.90
C PHE A 26 -2.07 3.62 -3.96
N ALA A 27 -3.02 2.72 -4.15
CA ALA A 27 -2.82 1.61 -5.08
C ALA A 27 -2.73 2.11 -6.53
N VAL A 28 -3.62 3.02 -6.91
CA VAL A 28 -3.66 3.49 -8.29
C VAL A 28 -2.78 4.72 -8.44
N ASP A 29 -1.81 4.65 -9.34
CA ASP A 29 -0.92 5.78 -9.60
C ASP A 29 -0.45 5.70 -11.05
N LEU A 30 0.63 6.43 -11.36
CA LEU A 30 1.13 6.48 -12.73
C LEU A 30 1.57 5.11 -13.23
N ALA A 31 1.88 4.18 -12.33
CA ALA A 31 2.24 2.84 -12.78
C ALA A 31 1.07 2.19 -13.54
N ASN A 32 -0.12 2.18 -12.92
CA ASN A 32 -1.31 1.64 -13.56
C ASN A 32 -1.48 2.15 -14.99
N VAL A 33 -1.03 3.38 -15.27
CA VAL A 33 -1.30 4.02 -16.54
C VAL A 33 -0.14 3.90 -17.53
N TRP A 34 1.10 3.92 -17.06
CA TRP A 34 2.24 3.99 -17.96
C TRP A 34 3.09 2.73 -17.97
N ARG A 35 2.77 1.73 -17.18
CA ARG A 35 3.54 0.45 -17.17
C ARG A 35 2.61 -0.66 -17.62
N PHE A 36 1.44 -0.79 -17.04
CA PHE A 36 0.56 -1.92 -17.32
C PHE A 36 0.09 -1.98 -18.76
N PRO A 37 -0.39 -0.89 -19.38
CA PRO A 37 -0.81 -1.00 -20.79
C PRO A 37 0.31 -1.44 -21.71
N TYR A 38 1.53 -0.96 -21.48
CA TYR A 38 2.64 -1.37 -22.32
C TYR A 38 2.98 -2.83 -22.13
N LEU A 39 2.94 -3.32 -20.89
CA LEU A 39 3.14 -4.73 -20.64
C LEU A 39 2.07 -5.58 -21.31
N CYS A 40 0.81 -5.15 -21.23
CA CYS A 40 -0.28 -5.87 -21.89
C CYS A 40 -0.06 -5.93 -23.39
N TYR A 41 0.33 -4.80 -23.99
CA TYR A 41 0.57 -4.76 -25.43
C TYR A 41 1.75 -5.64 -25.82
N LYS A 42 2.83 -5.59 -25.04
CA LYS A 42 4.04 -6.31 -25.38
C LYS A 42 4.01 -7.79 -24.99
N ASN A 43 3.09 -8.20 -24.12
CA ASN A 43 3.08 -9.55 -23.58
C ASN A 43 1.84 -10.33 -24.01
N GLY A 44 1.35 -10.08 -25.22
CA GLY A 44 0.24 -10.83 -25.77
C GLY A 44 -1.10 -10.13 -25.74
N GLY A 45 -1.18 -8.90 -25.29
CA GLY A 45 -2.46 -8.19 -25.30
C GLY A 45 -3.40 -8.80 -24.28
N GLY A 46 -4.59 -9.19 -24.75
CA GLY A 46 -5.57 -9.79 -23.86
C GLY A 46 -5.12 -11.09 -23.22
N ALA A 47 -4.12 -11.76 -23.81
CA ALA A 47 -3.57 -12.96 -23.18
C ALA A 47 -2.77 -12.62 -21.93
N PHE A 48 -2.14 -11.45 -21.91
CA PHE A 48 -1.39 -11.03 -20.73
C PHE A 48 -2.26 -10.92 -19.49
N LEU A 49 -3.57 -10.75 -19.67
CA LEU A 49 -4.48 -10.65 -18.53
C LEU A 49 -4.64 -11.96 -17.78
N ILE A 50 -4.26 -13.08 -18.39
CA ILE A 50 -4.39 -14.38 -17.73
C ILE A 50 -3.33 -14.49 -16.62
N PRO A 51 -2.04 -14.35 -16.92
CA PRO A 51 -1.06 -14.28 -15.82
C PRO A 51 -1.37 -13.18 -14.83
N TYR A 52 -1.77 -12.01 -15.33
CA TYR A 52 -2.00 -10.86 -14.46
C TYR A 52 -3.17 -11.12 -13.51
N THR A 53 -4.29 -11.60 -14.05
CA THR A 53 -5.45 -11.89 -13.22
C THR A 53 -5.16 -13.05 -12.26
N LEU A 54 -4.47 -14.08 -12.74
CA LEU A 54 -4.15 -15.21 -11.87
C LEU A 54 -3.28 -14.77 -10.69
N PHE A 55 -2.27 -13.94 -10.96
CA PHE A 55 -1.44 -13.47 -9.87
C PHE A 55 -2.21 -12.56 -8.94
N LEU A 56 -3.08 -11.69 -9.47
CA LEU A 56 -3.96 -10.91 -8.60
C LEU A 56 -4.74 -11.82 -7.67
N ILE A 57 -5.27 -12.92 -8.21
CA ILE A 57 -6.12 -13.81 -7.43
C ILE A 57 -5.33 -14.59 -6.37
N ILE A 58 -4.13 -15.05 -6.69
CA ILE A 58 -3.43 -16.00 -5.83
C ILE A 58 -2.40 -15.35 -4.93
N ALA A 59 -1.83 -14.20 -5.30
CA ALA A 59 -0.83 -13.55 -4.46
C ALA A 59 -1.27 -12.14 -4.09
N GLY A 60 -1.71 -11.37 -5.08
CA GLY A 60 -2.01 -9.97 -4.84
C GLY A 60 -3.17 -9.77 -3.90
N MET A 61 -4.31 -10.38 -4.22
CA MET A 61 -5.47 -10.28 -3.35
C MET A 61 -5.21 -10.90 -1.98
N PRO A 62 -4.67 -12.11 -1.87
CA PRO A 62 -4.36 -12.66 -0.54
C PRO A 62 -3.44 -11.79 0.29
N LEU A 63 -2.39 -11.22 -0.30
CA LEU A 63 -1.49 -10.35 0.45
C LEU A 63 -2.20 -9.06 0.86
N PHE A 64 -3.04 -8.53 -0.02
CA PHE A 64 -3.78 -7.31 0.27
C PHE A 64 -4.70 -7.53 1.46
N TYR A 65 -5.42 -8.65 1.44
CA TYR A 65 -6.27 -9.06 2.54
C TYR A 65 -5.47 -9.26 3.82
N MET A 66 -4.32 -9.93 3.72
CA MET A 66 -3.49 -10.17 4.90
C MET A 66 -3.10 -8.86 5.56
N GLU A 67 -2.61 -7.89 4.76
CA GLU A 67 -2.15 -6.64 5.36
C GLU A 67 -3.30 -5.83 5.92
N LEU A 68 -4.44 -5.78 5.22
CA LEU A 68 -5.58 -5.05 5.78
C LEU A 68 -6.06 -5.67 7.08
N ALA A 69 -6.16 -7.00 7.14
CA ALA A 69 -6.61 -7.65 8.35
C ALA A 69 -5.61 -7.48 9.49
N LEU A 70 -4.31 -7.57 9.18
CA LEU A 70 -3.29 -7.37 10.19
C LEU A 70 -3.39 -5.97 10.79
N GLY A 71 -3.49 -4.95 9.93
CA GLY A 71 -3.62 -3.59 10.43
C GLY A 71 -4.88 -3.38 11.22
N GLN A 72 -6.00 -3.93 10.75
CA GLN A 72 -7.27 -3.70 11.43
C GLN A 72 -7.33 -4.41 12.78
N TYR A 73 -6.75 -5.61 12.89
CA TYR A 73 -6.76 -6.32 14.14
C TYR A 73 -5.77 -5.79 15.15
N ASN A 74 -4.55 -5.49 14.71
CA ASN A 74 -3.51 -5.04 15.64
C ASN A 74 -3.51 -3.54 15.84
N ARG A 75 -4.08 -2.77 14.91
CA ARG A 75 -4.20 -1.33 15.05
C ARG A 75 -2.82 -0.70 15.30
N GLU A 76 -1.83 -1.15 14.55
CA GLU A 76 -0.46 -0.69 14.64
C GLU A 76 0.07 -0.44 13.24
N GLY A 77 1.23 0.20 13.17
CA GLY A 77 1.91 0.43 11.92
C GLY A 77 2.77 -0.75 11.52
N ALA A 78 3.61 -0.53 10.49
CA ALA A 78 4.42 -1.61 9.95
C ALA A 78 5.40 -2.15 10.99
N ALA A 79 6.02 -1.26 11.75
CA ALA A 79 7.04 -1.70 12.71
C ALA A 79 6.42 -2.35 13.94
N THR A 80 5.48 -1.66 14.59
CA THR A 80 4.94 -2.12 15.86
C THR A 80 3.90 -3.23 15.71
N VAL A 81 3.47 -3.54 14.49
CA VAL A 81 2.59 -4.71 14.30
C VAL A 81 3.32 -6.01 14.61
N TRP A 82 4.64 -5.99 14.75
CA TRP A 82 5.42 -7.17 15.03
C TRP A 82 5.54 -7.45 16.51
N LYS A 83 4.68 -6.85 17.33
CA LYS A 83 4.47 -7.33 18.68
C LYS A 83 3.97 -8.76 18.73
N ILE A 84 3.43 -9.26 17.61
CA ILE A 84 2.98 -10.63 17.50
C ILE A 84 4.16 -11.58 17.28
N CYS A 85 5.18 -11.13 16.57
CA CYS A 85 6.42 -11.88 16.38
C CYS A 85 7.58 -10.89 16.52
N PRO A 86 8.08 -10.71 17.74
CA PRO A 86 9.07 -9.63 17.97
C PRO A 86 10.27 -9.66 17.05
N PHE A 87 10.76 -10.84 16.68
CA PHE A 87 11.96 -10.93 15.86
C PHE A 87 11.81 -10.30 14.49
N PHE A 88 10.57 -10.04 14.05
CA PHE A 88 10.30 -9.54 12.71
C PHE A 88 10.12 -8.03 12.65
N LYS A 89 10.43 -7.31 13.75
CA LYS A 89 10.30 -5.86 13.73
C LYS A 89 11.28 -5.21 12.77
N GLY A 90 12.41 -5.88 12.51
CA GLY A 90 13.32 -5.40 11.48
C GLY A 90 12.67 -5.36 10.12
N VAL A 91 11.73 -6.25 9.85
CA VAL A 91 10.98 -6.21 8.59
C VAL A 91 10.18 -4.92 8.48
N GLY A 92 9.49 -4.53 9.56
CA GLY A 92 8.75 -3.29 9.53
C GLY A 92 9.65 -2.08 9.43
N TYR A 93 10.79 -2.10 10.12
CA TYR A 93 11.75 -1.03 9.97
C TYR A 93 12.26 -0.93 8.54
N ALA A 94 12.52 -2.07 7.90
CA ALA A 94 12.94 -2.08 6.51
C ALA A 94 11.85 -1.52 5.60
N VAL A 95 10.59 -1.86 5.87
CA VAL A 95 9.49 -1.33 5.06
C VAL A 95 9.39 0.19 5.22
N ILE A 96 9.55 0.70 6.45
CA ILE A 96 9.50 2.14 6.66
C ILE A 96 10.66 2.82 5.92
N LEU A 97 11.86 2.24 6.02
CA LEU A 97 13.00 2.81 5.31
C LEU A 97 12.77 2.81 3.80
N ILE A 98 12.20 1.73 3.28
CA ILE A 98 11.92 1.64 1.85
C ILE A 98 10.90 2.69 1.44
N ALA A 99 9.89 2.92 2.28
CA ALA A 99 8.90 3.95 1.98
C ALA A 99 9.55 5.32 1.92
N LEU A 100 10.42 5.62 2.87
CA LEU A 100 11.14 6.89 2.84
C LEU A 100 12.01 7.00 1.58
N TYR A 101 12.75 5.93 1.26
CA TYR A 101 13.57 5.92 0.06
C TYR A 101 12.72 6.17 -1.19
N VAL A 102 11.58 5.50 -1.30
CA VAL A 102 10.74 5.65 -2.48
C VAL A 102 10.23 7.06 -2.58
N GLY A 103 9.81 7.66 -1.46
CA GLY A 103 9.40 9.05 -1.47
C GLY A 103 10.49 9.99 -1.88
N PHE A 104 11.76 9.63 -1.65
CA PHE A 104 12.86 10.50 -2.07
C PHE A 104 12.89 10.75 -3.57
N TYR A 105 12.26 9.89 -4.39
CA TYR A 105 12.25 10.08 -5.84
C TYR A 105 10.86 10.13 -6.45
N TYR A 106 9.84 9.61 -5.75
CA TYR A 106 8.49 9.59 -6.31
C TYR A 106 7.89 10.99 -6.38
N ASN A 107 8.14 11.80 -5.36
CA ASN A 107 7.69 13.18 -5.35
C ASN A 107 8.36 14.02 -6.42
N VAL A 108 9.52 13.59 -6.93
CA VAL A 108 10.12 14.29 -8.06
C VAL A 108 9.35 14.04 -9.35
N ILE A 109 8.83 12.83 -9.56
CA ILE A 109 7.94 12.62 -10.70
C ILE A 109 6.65 13.40 -10.51
N ILE A 110 6.15 13.48 -9.28
CA ILE A 110 4.99 14.34 -9.03
C ILE A 110 5.33 15.79 -9.37
N ALA A 111 6.53 16.24 -9.03
CA ALA A 111 6.95 17.60 -9.36
C ALA A 111 7.09 17.80 -10.87
N TRP A 112 7.51 16.76 -11.60
CA TRP A 112 7.49 16.84 -13.05
C TRP A 112 6.09 17.06 -13.58
N SER A 113 5.12 16.31 -13.03
CA SER A 113 3.72 16.52 -13.42
C SER A 113 3.28 17.94 -13.10
N LEU A 114 3.68 18.46 -11.94
CA LEU A 114 3.33 19.83 -11.58
C LEU A 114 3.96 20.85 -12.53
N TYR A 115 5.21 20.63 -12.92
CA TYR A 115 5.87 21.52 -13.87
C TYR A 115 5.14 21.50 -15.20
N TYR A 116 4.76 20.32 -15.67
CA TYR A 116 4.04 20.23 -16.94
C TYR A 116 2.68 20.88 -16.85
N LEU A 117 1.99 20.73 -15.71
CA LEU A 117 0.71 21.40 -15.53
C LEU A 117 0.87 22.92 -15.56
N PHE A 118 1.89 23.43 -14.87
CA PHE A 118 2.13 24.86 -14.92
C PHE A 118 2.46 25.32 -16.33
N SER A 119 3.25 24.54 -17.07
CA SER A 119 3.55 24.83 -18.45
C SER A 119 2.33 24.70 -19.35
N SER A 120 1.28 24.04 -18.90
CA SER A 120 0.05 23.85 -19.67
C SER A 120 -0.86 25.07 -19.64
N PHE A 121 -0.55 26.08 -18.83
CA PHE A 121 -1.40 27.26 -18.70
C PHE A 121 -1.06 28.27 -19.80
N THR A 122 -1.11 27.79 -21.05
CA THR A 122 -0.79 28.62 -22.20
C THR A 122 -1.54 28.10 -23.41
N LEU A 123 -1.90 29.02 -24.30
CA LEU A 123 -2.48 28.63 -25.59
C LEU A 123 -1.45 28.06 -26.54
N ASN A 124 -0.16 28.26 -26.26
CA ASN A 124 0.93 27.71 -27.06
C ASN A 124 1.79 26.88 -26.10
N LEU A 125 1.59 25.57 -26.12
CA LEU A 125 2.31 24.70 -25.21
C LEU A 125 3.79 24.71 -25.55
N PRO A 126 4.68 24.68 -24.55
CA PRO A 126 6.13 24.77 -24.84
C PRO A 126 6.68 23.54 -25.56
N TRP A 127 5.97 22.43 -25.57
CA TRP A 127 6.43 21.21 -26.23
C TRP A 127 5.88 21.06 -27.64
N THR A 128 5.21 22.08 -28.19
CA THR A 128 4.60 21.96 -29.50
C THR A 128 5.59 22.32 -30.62
N ASP A 129 6.41 23.34 -30.40
CA ASP A 129 7.29 23.86 -31.44
C ASP A 129 8.73 23.90 -30.92
N CYS A 130 9.66 24.07 -31.86
CA CYS A 130 11.05 24.32 -31.57
C CYS A 130 11.27 25.83 -31.44
N GLY A 131 12.54 26.23 -31.41
CA GLY A 131 12.87 27.63 -31.31
C GLY A 131 12.81 28.21 -29.91
N HIS A 132 12.90 27.36 -28.89
CA HIS A 132 12.96 27.78 -27.51
C HIS A 132 14.42 27.80 -27.06
N THR A 133 14.64 28.24 -25.82
CA THR A 133 15.99 28.25 -25.29
C THR A 133 16.51 26.84 -25.06
N TRP A 134 15.63 25.90 -24.72
CA TRP A 134 16.01 24.53 -24.43
C TRP A 134 16.09 23.66 -25.68
N ASN A 135 15.83 24.22 -26.85
CA ASN A 135 15.83 23.44 -28.08
C ASN A 135 17.22 23.45 -28.71
N SER A 136 17.69 22.26 -29.07
CA SER A 136 18.94 22.12 -29.80
C SER A 136 18.72 22.48 -31.26
N PRO A 137 19.79 22.78 -32.00
CA PRO A 137 19.63 23.06 -33.43
C PRO A 137 19.06 21.89 -34.21
N ASN A 138 19.13 20.67 -33.67
CA ASN A 138 18.61 19.49 -34.34
C ASN A 138 17.11 19.29 -34.11
N CYS A 139 16.47 20.18 -33.35
CA CYS A 139 15.04 20.07 -33.13
C CYS A 139 14.30 20.10 -34.46
N THR A 140 13.36 19.17 -34.64
CA THR A 140 12.63 19.02 -35.89
C THR A 140 11.13 19.04 -35.62
N ASP A 141 10.39 19.71 -36.48
CA ASP A 141 8.94 19.73 -36.41
C ASP A 141 8.42 18.30 -36.48
N PRO A 142 7.71 17.80 -35.46
CA PRO A 142 7.32 16.39 -35.46
C PRO A 142 6.37 16.02 -36.58
N LYS A 143 5.68 16.98 -37.18
CA LYS A 143 4.80 16.69 -38.30
C LYS A 143 5.56 16.23 -39.54
N LEU A 144 6.87 16.46 -39.59
CA LEU A 144 7.70 15.99 -40.68
C LEU A 144 8.29 14.60 -40.43
N LEU A 145 8.24 14.12 -39.19
CA LEU A 145 8.81 12.83 -38.85
C LEU A 145 7.78 11.71 -38.99
N LYS A 155 12.52 3.46 -33.82
CA LYS A 155 11.47 3.73 -32.85
C LYS A 155 11.27 5.23 -32.66
N TYR A 156 10.06 5.71 -32.96
CA TYR A 156 9.78 7.12 -32.77
C TYR A 156 9.98 7.56 -31.33
N SER A 157 9.65 6.69 -30.37
CA SER A 157 9.79 7.06 -28.97
C SER A 157 11.24 7.34 -28.58
N LYS A 158 12.20 6.81 -29.34
CA LYS A 158 13.61 7.00 -29.05
C LYS A 158 14.22 8.18 -29.80
N TYR A 159 13.42 8.90 -30.58
CA TYR A 159 13.90 10.09 -31.26
C TYR A 159 13.90 11.26 -30.30
N LYS A 160 15.09 11.79 -30.01
CA LYS A 160 15.26 12.77 -28.96
C LYS A 160 15.21 14.20 -29.47
N PHE A 161 15.04 14.40 -30.78
CA PHE A 161 15.07 15.73 -31.38
C PHE A 161 13.68 16.26 -31.68
N THR A 162 12.67 15.76 -31.00
CA THR A 162 11.32 16.30 -31.14
C THR A 162 11.08 17.42 -30.13
N PRO A 163 10.15 18.33 -30.41
CA PRO A 163 9.84 19.37 -29.42
C PRO A 163 9.44 18.82 -28.07
N ALA A 164 8.70 17.70 -28.03
CA ALA A 164 8.29 17.14 -26.75
C ALA A 164 9.45 16.48 -26.02
N ALA A 165 10.24 15.66 -26.73
CA ALA A 165 11.39 15.03 -26.10
C ALA A 165 12.40 16.07 -25.65
N GLU A 166 12.68 17.05 -26.51
CA GLU A 166 13.61 18.11 -26.14
C GLU A 166 13.05 18.96 -25.01
N PHE A 167 11.77 19.27 -25.02
CA PHE A 167 11.19 19.98 -23.89
C PHE A 167 11.43 19.21 -22.59
N TYR A 168 11.04 17.94 -22.55
CA TYR A 168 11.27 17.16 -21.34
C TYR A 168 12.73 17.24 -20.92
N GLU A 169 13.62 16.71 -21.75
CA GLU A 169 15.01 16.52 -21.35
C GLU A 169 15.73 17.82 -21.05
N ARG A 170 15.47 18.89 -21.81
CA ARG A 170 16.30 20.08 -21.76
C ARG A 170 15.64 21.27 -21.08
N GLY A 171 14.32 21.37 -21.08
CA GLY A 171 13.63 22.45 -20.41
C GLY A 171 12.94 22.00 -19.15
N VAL A 172 12.96 20.69 -18.84
CA VAL A 172 12.49 20.17 -17.57
C VAL A 172 13.61 19.51 -16.80
N LEU A 173 14.25 18.49 -17.39
CA LEU A 173 15.35 17.80 -16.76
C LEU A 173 16.67 18.55 -16.90
N HIS A 174 16.83 19.33 -17.97
CA HIS A 174 18.12 19.93 -18.31
C HIS A 174 19.21 18.86 -18.33
N LEU A 175 18.82 17.66 -18.76
CA LEU A 175 19.72 16.52 -18.77
C LEU A 175 20.90 16.72 -19.71
N HIS A 176 20.75 17.57 -20.73
CA HIS A 176 21.85 17.85 -21.64
C HIS A 176 23.02 18.53 -20.92
N GLU A 177 22.79 19.12 -19.75
CA GLU A 177 23.84 19.80 -19.00
C GLU A 177 24.55 18.88 -18.02
N SER A 178 24.10 17.63 -17.88
CA SER A 178 24.75 16.64 -17.04
C SER A 178 25.29 15.52 -17.91
N SER A 179 26.59 15.25 -17.80
CA SER A 179 27.22 14.19 -18.56
C SER A 179 27.04 12.82 -17.92
N GLY A 180 26.60 12.77 -16.67
CA GLY A 180 26.42 11.50 -16.01
C GLY A 180 26.09 11.71 -14.55
N ILE A 181 26.03 10.59 -13.81
CA ILE A 181 25.79 10.66 -12.36
C ILE A 181 27.00 11.12 -11.59
N HIS A 182 28.17 11.21 -12.24
CA HIS A 182 29.35 11.78 -11.61
C HIS A 182 29.30 13.29 -11.51
N ASP A 183 28.58 13.95 -12.42
CA ASP A 183 28.33 15.39 -12.35
C ASP A 183 26.82 15.61 -12.55
N ILE A 184 26.11 15.74 -11.43
CA ILE A 184 24.67 15.94 -11.46
C ILE A 184 24.27 17.41 -11.43
N GLY A 185 25.19 18.29 -11.06
CA GLY A 185 24.88 19.70 -11.01
C GLY A 185 24.09 20.06 -9.76
N LEU A 186 23.59 21.29 -9.76
CA LEU A 186 22.82 21.81 -8.66
C LEU A 186 21.33 21.67 -8.93
N PRO A 187 20.50 21.66 -7.89
CA PRO A 187 19.06 21.54 -8.11
C PRO A 187 18.53 22.67 -8.97
N GLN A 188 17.58 22.34 -9.84
CA GLN A 188 16.97 23.33 -10.71
C GLN A 188 15.88 24.09 -9.96
N TRP A 189 15.90 25.42 -10.05
CA TRP A 189 15.04 26.21 -9.18
C TRP A 189 13.57 26.07 -9.58
N GLN A 190 13.27 25.83 -10.85
CA GLN A 190 11.87 25.61 -11.25
C GLN A 190 11.36 24.27 -10.72
N LEU A 191 12.13 23.20 -10.96
CA LEU A 191 11.78 21.91 -10.38
C LEU A 191 11.86 21.95 -8.86
N LEU A 192 12.74 22.78 -8.31
CA LEU A 192 12.81 22.95 -6.86
C LEU A 192 11.53 23.57 -6.33
N LEU A 193 11.00 24.60 -7.01
CA LEU A 193 9.74 25.19 -6.58
C LEU A 193 8.59 24.21 -6.73
N CYS A 194 8.57 23.44 -7.81
CA CYS A 194 7.51 22.44 -7.96
C CYS A 194 7.59 21.37 -6.88
N LEU A 195 8.80 20.94 -6.52
CA LEU A 195 8.98 20.00 -5.43
C LEU A 195 8.54 20.61 -4.09
N MET A 196 8.84 21.90 -3.88
CA MET A 196 8.37 22.59 -2.69
C MET A 196 6.85 22.55 -2.61
N VAL A 197 6.18 22.85 -3.73
CA VAL A 197 4.72 22.83 -3.75
C VAL A 197 4.21 21.41 -3.46
N VAL A 198 4.84 20.41 -4.06
CA VAL A 198 4.40 19.03 -3.85
C VAL A 198 4.53 18.64 -2.38
N VAL A 199 5.67 18.95 -1.75
CA VAL A 199 5.87 18.56 -0.37
C VAL A 199 5.01 19.38 0.58
N ILE A 200 4.71 20.65 0.23
CA ILE A 200 3.80 21.44 1.06
C ILE A 200 2.38 20.86 1.00
N VAL A 201 1.94 20.49 -0.20
CA VAL A 201 0.65 19.83 -0.33
C VAL A 201 0.62 18.55 0.47
N LEU A 202 1.70 17.77 0.40
CA LEU A 202 1.77 16.52 1.16
C LEU A 202 1.72 16.78 2.66
N TYR A 203 2.44 17.80 3.13
CA TYR A 203 2.43 18.11 4.55
C TYR A 203 1.04 18.48 5.02
N PHE A 204 0.38 19.39 4.31
CA PHE A 204 -0.93 19.84 4.76
C PHE A 204 -2.02 18.83 4.47
N SER A 205 -1.74 17.80 3.67
CA SER A 205 -2.61 16.64 3.58
C SER A 205 -2.35 15.63 4.68
N LEU A 206 -1.16 15.64 5.27
CA LEU A 206 -0.75 14.62 6.22
C LEU A 206 -0.61 15.10 7.66
N TRP A 207 -0.50 16.40 7.90
CA TRP A 207 -0.09 16.88 9.22
C TRP A 207 -1.15 16.69 10.29
N LYS A 208 -2.42 16.59 9.92
CA LYS A 208 -3.51 16.46 10.89
C LYS A 208 -4.10 15.05 10.88
N GLY A 209 -3.42 14.09 10.25
CA GLY A 209 -3.81 12.72 10.34
C GLY A 209 -4.81 12.29 9.27
N VAL A 210 -5.32 11.08 9.46
CA VAL A 210 -6.29 10.53 8.51
C VAL A 210 -7.58 11.31 8.48
N LYS A 211 -7.90 12.08 9.52
CA LYS A 211 -9.14 12.86 9.53
C LYS A 211 -9.19 13.80 8.34
N THR A 212 -8.04 14.34 7.92
CA THR A 212 -7.99 15.19 6.74
C THR A 212 -7.41 14.47 5.53
N SER A 213 -6.57 13.45 5.73
CA SER A 213 -6.08 12.68 4.59
C SER A 213 -7.23 11.98 3.86
N GLY A 214 -8.17 11.42 4.62
CA GLY A 214 -9.30 10.71 4.04
C GLY A 214 -10.24 11.61 3.28
N LYS A 215 -10.24 12.91 3.59
CA LYS A 215 -11.04 13.85 2.81
C LYS A 215 -10.27 14.42 1.63
N VAL A 216 -8.94 14.49 1.72
CA VAL A 216 -8.14 14.87 0.56
C VAL A 216 -8.23 13.80 -0.52
N VAL A 217 -8.27 12.53 -0.12
CA VAL A 217 -8.38 11.45 -1.10
C VAL A 217 -9.72 11.43 -1.80
N TRP A 218 -10.72 12.15 -1.28
CA TRP A 218 -11.97 12.31 -2.02
C TRP A 218 -11.73 12.99 -3.36
N ILE A 219 -10.75 13.88 -3.44
CA ILE A 219 -10.39 14.55 -4.69
C ILE A 219 -9.25 13.82 -5.39
N THR A 220 -8.17 13.50 -4.65
CA THR A 220 -6.99 12.97 -5.32
C THR A 220 -7.24 11.58 -5.88
N ALA A 221 -8.17 10.82 -5.28
CA ALA A 221 -8.42 9.47 -5.73
C ALA A 221 -9.52 9.37 -6.77
N THR A 222 -10.44 10.33 -6.83
CA THR A 222 -11.55 10.28 -7.77
C THR A 222 -11.34 11.12 -9.01
N LEU A 223 -10.60 12.22 -8.91
CA LEU A 223 -10.32 13.04 -10.08
C LEU A 223 -9.67 12.25 -11.22
N PRO A 224 -8.70 11.36 -10.96
CA PRO A 224 -8.10 10.62 -12.07
C PRO A 224 -9.10 9.86 -12.90
N TYR A 225 -10.17 9.35 -12.29
CA TYR A 225 -11.17 8.59 -13.04
C TYR A 225 -12.04 9.48 -13.93
N PHE A 226 -12.40 10.68 -13.47
CA PHE A 226 -13.08 11.62 -14.34
C PHE A 226 -12.21 12.01 -15.52
N VAL A 227 -10.94 12.32 -15.26
CA VAL A 227 -10.06 12.68 -16.35
C VAL A 227 -9.87 11.52 -17.32
N LEU A 228 -9.72 10.31 -16.78
CA LEU A 228 -9.58 9.13 -17.63
C LEU A 228 -10.84 8.88 -18.45
N PHE A 229 -12.02 9.14 -17.88
CA PHE A 229 -13.26 9.00 -18.64
C PHE A 229 -13.30 9.96 -19.82
N VAL A 230 -12.98 11.23 -19.58
CA VAL A 230 -13.01 12.19 -20.69
C VAL A 230 -11.93 11.84 -21.72
N LEU A 231 -10.76 11.41 -21.25
CA LEU A 231 -9.70 11.00 -22.17
C LEU A 231 -10.13 9.81 -23.02
N LEU A 232 -10.81 8.84 -22.42
CA LEU A 232 -11.32 7.69 -23.17
C LEU A 232 -12.33 8.14 -24.23
N VAL A 233 -13.33 8.93 -23.84
CA VAL A 233 -14.42 9.34 -24.76
C VAL A 233 -13.82 10.10 -25.95
N HIS A 234 -12.75 10.86 -25.74
CA HIS A 234 -12.11 11.64 -26.82
C HIS A 234 -11.20 10.73 -27.63
N GLY A 235 -10.44 9.86 -26.97
CA GLY A 235 -9.48 8.96 -27.63
C GLY A 235 -10.16 8.00 -28.57
N VAL A 236 -11.31 7.45 -28.20
CA VAL A 236 -11.98 6.46 -29.04
C VAL A 236 -12.41 7.09 -30.37
N THR A 237 -12.69 8.39 -30.38
CA THR A 237 -13.08 9.09 -31.59
C THR A 237 -11.88 9.57 -32.42
N LEU A 238 -10.67 9.44 -31.91
CA LEU A 238 -9.50 9.94 -32.63
C LEU A 238 -9.17 9.00 -33.79
N PRO A 239 -8.72 9.53 -34.93
CA PRO A 239 -8.33 8.67 -36.05
C PRO A 239 -7.15 7.78 -35.68
N GLY A 240 -7.29 6.48 -35.93
CA GLY A 240 -6.27 5.51 -35.58
C GLY A 240 -6.37 4.98 -34.17
N ALA A 241 -7.32 5.46 -33.37
CA ALA A 241 -7.47 4.96 -32.01
C ALA A 241 -7.89 3.50 -32.00
N SER A 242 -8.73 3.10 -32.97
CA SER A 242 -9.16 1.71 -33.04
C SER A 242 -7.98 0.78 -33.31
N ASN A 243 -7.05 1.20 -34.16
CA ASN A 243 -5.86 0.41 -34.43
C ASN A 243 -5.02 0.25 -33.17
N GLY A 244 -4.87 1.33 -32.40
CA GLY A 244 -4.13 1.26 -31.15
C GLY A 244 -4.81 0.35 -30.14
N ILE A 245 -6.14 0.41 -30.06
CA ILE A 245 -6.86 -0.47 -29.14
C ILE A 245 -6.73 -1.92 -29.57
N ASN A 246 -6.79 -2.18 -30.88
CA ASN A 246 -6.58 -3.53 -31.37
C ASN A 246 -5.20 -4.05 -31.00
N ALA A 247 -4.17 -3.22 -31.19
CA ALA A 247 -2.83 -3.60 -30.75
C ALA A 247 -2.77 -3.84 -29.25
N TYR A 248 -3.50 -3.03 -28.47
CA TYR A 248 -3.54 -3.20 -27.02
C TYR A 248 -4.11 -4.56 -26.63
N LEU A 249 -5.22 -4.96 -27.24
CA LEU A 249 -5.94 -6.15 -26.83
C LEU A 249 -5.79 -7.32 -27.78
N HIS A 250 -4.86 -7.26 -28.74
CA HIS A 250 -4.65 -8.39 -29.63
C HIS A 250 -4.14 -9.58 -28.84
N ILE A 251 -4.90 -10.67 -28.86
CA ILE A 251 -4.63 -11.83 -28.03
C ILE A 251 -3.64 -12.72 -28.78
N ASP A 252 -2.49 -12.99 -28.16
CA ASP A 252 -1.51 -13.94 -28.65
C ASP A 252 -1.24 -14.93 -27.53
N PHE A 253 -1.94 -16.06 -27.54
CA PHE A 253 -1.83 -17.03 -26.47
C PHE A 253 -0.49 -17.74 -26.43
N TYR A 254 0.24 -17.74 -27.54
CA TYR A 254 1.56 -18.36 -27.60
C TYR A 254 2.62 -17.53 -26.91
N ARG A 255 2.28 -16.33 -26.44
CA ARG A 255 3.17 -15.54 -25.62
C ARG A 255 3.19 -15.99 -24.17
N LEU A 256 2.23 -16.82 -23.76
CA LEU A 256 2.13 -17.30 -22.39
C LEU A 256 3.07 -18.48 -22.13
N LYS A 257 3.75 -18.98 -23.16
CA LYS A 257 4.76 -20.01 -22.99
C LYS A 257 6.13 -19.45 -22.66
N GLU A 258 6.26 -18.13 -22.60
CA GLU A 258 7.52 -17.47 -22.27
C GLU A 258 7.51 -17.04 -20.81
N ALA A 259 8.60 -17.35 -20.11
CA ALA A 259 8.70 -16.98 -18.71
C ALA A 259 8.68 -15.46 -18.52
N THR A 260 9.08 -14.70 -19.54
CA THR A 260 9.11 -13.24 -19.39
C THR A 260 7.72 -12.68 -19.17
N VAL A 261 6.72 -13.22 -19.85
CA VAL A 261 5.35 -12.71 -19.70
C VAL A 261 4.87 -12.92 -18.28
N TRP A 262 5.08 -14.11 -17.74
CA TRP A 262 4.65 -14.41 -16.37
C TRP A 262 5.42 -13.61 -15.35
N ILE A 263 6.74 -13.44 -15.57
CA ILE A 263 7.53 -12.61 -14.67
C ILE A 263 7.02 -11.18 -14.69
N ASP A 264 6.71 -10.65 -15.87
CA ASP A 264 6.20 -9.28 -15.97
C ASP A 264 4.86 -9.15 -15.27
N ALA A 265 3.97 -10.13 -15.44
CA ALA A 265 2.68 -10.07 -14.76
C ALA A 265 2.84 -10.11 -13.25
N ALA A 266 3.72 -11.00 -12.75
CA ALA A 266 3.94 -11.08 -11.31
C ALA A 266 4.53 -9.80 -10.76
N THR A 267 5.55 -9.26 -11.42
CA THR A 267 6.17 -8.02 -10.97
C THR A 267 5.17 -6.88 -11.00
N GLN A 268 4.36 -6.80 -12.05
CA GLN A 268 3.37 -5.73 -12.15
C GLN A 268 2.35 -5.85 -11.03
N ILE A 269 1.86 -7.05 -10.75
CA ILE A 269 0.90 -7.21 -9.67
C ILE A 269 1.51 -6.76 -8.34
N PHE A 270 2.72 -7.25 -8.05
CA PHE A 270 3.33 -6.94 -6.76
C PHE A 270 3.56 -5.45 -6.61
N PHE A 271 4.09 -4.80 -7.64
CA PHE A 271 4.47 -3.39 -7.52
C PHE A 271 3.33 -2.42 -7.80
N SER A 272 2.19 -2.90 -8.30
CA SER A 272 1.02 -2.05 -8.45
C SER A 272 0.06 -2.14 -7.27
N LEU A 273 -0.12 -3.32 -6.69
CA LEU A 273 -1.04 -3.43 -5.55
C LEU A 273 -0.47 -2.74 -4.32
N GLY A 274 0.82 -2.93 -4.05
CA GLY A 274 1.44 -2.30 -2.90
C GLY A 274 1.15 -2.97 -1.59
N ALA A 275 0.77 -4.25 -1.61
CA ALA A 275 0.55 -5.00 -0.38
C ALA A 275 1.89 -5.32 0.28
N GLY A 276 1.91 -5.21 1.60
CA GLY A 276 3.13 -5.42 2.36
C GLY A 276 4.09 -4.26 2.37
N PHE A 277 3.71 -3.12 1.79
CA PHE A 277 4.57 -1.95 1.72
C PHE A 277 4.47 -1.07 2.96
N GLY A 278 3.65 -1.45 3.93
CA GLY A 278 3.47 -0.68 5.14
C GLY A 278 2.38 0.36 5.07
N VAL A 279 1.77 0.57 3.91
CA VAL A 279 0.74 1.59 3.73
C VAL A 279 -0.64 1.02 4.07
N LEU A 280 -0.97 -0.15 3.54
CA LEU A 280 -2.24 -0.78 3.85
C LEU A 280 -2.35 -1.10 5.33
N ILE A 281 -1.26 -1.56 5.96
CA ILE A 281 -1.28 -1.85 7.38
C ILE A 281 -1.59 -0.58 8.17
N ALA A 282 -0.95 0.54 7.80
CA ALA A 282 -1.19 1.80 8.50
C ALA A 282 -2.63 2.27 8.29
N PHE A 283 -3.14 2.14 7.07
CA PHE A 283 -4.51 2.58 6.79
C PHE A 283 -5.52 1.75 7.57
N ALA A 284 -5.34 0.42 7.58
CA ALA A 284 -6.26 -0.45 8.31
C ALA A 284 -6.09 -0.30 9.82
N SER A 285 -4.96 0.21 10.28
CA SER A 285 -4.77 0.49 11.70
C SER A 285 -5.70 1.57 12.22
N TYR A 286 -6.36 2.32 11.34
CA TYR A 286 -7.33 3.35 11.71
C TYR A 286 -8.75 2.90 11.45
N ASN A 287 -8.97 1.63 11.15
CA ASN A 287 -10.30 1.11 10.88
C ASN A 287 -11.03 0.81 12.18
N LYS A 288 -12.36 0.75 12.07
CA LYS A 288 -13.17 0.23 13.16
C LYS A 288 -13.05 -1.29 13.17
N PHE A 289 -13.01 -1.87 14.38
CA PHE A 289 -12.75 -3.29 14.51
C PHE A 289 -13.76 -4.13 13.72
N ASP A 290 -14.98 -3.63 13.57
CA ASP A 290 -16.05 -4.33 12.87
C ASP A 290 -15.93 -4.27 11.35
N ASN A 291 -15.02 -3.45 10.83
CA ASN A 291 -14.95 -3.25 9.38
C ASN A 291 -14.66 -4.57 8.67
N ASN A 292 -15.32 -4.78 7.54
CA ASN A 292 -15.12 -5.96 6.71
C ASN A 292 -13.94 -5.71 5.78
N CYS A 293 -12.74 -6.00 6.26
CA CYS A 293 -11.52 -5.78 5.48
C CYS A 293 -11.36 -6.80 4.36
N TYR A 294 -12.07 -7.92 4.41
CA TYR A 294 -12.06 -8.88 3.30
C TYR A 294 -12.71 -8.28 2.06
N ARG A 295 -13.90 -7.72 2.23
CA ARG A 295 -14.58 -7.05 1.11
C ARG A 295 -13.76 -5.86 0.62
N ASP A 296 -13.19 -5.09 1.53
CA ASP A 296 -12.38 -3.94 1.11
C ASP A 296 -11.16 -4.39 0.33
N ALA A 297 -10.49 -5.45 0.78
CA ALA A 297 -9.33 -5.96 0.04
C ALA A 297 -9.73 -6.39 -1.36
N LEU A 298 -10.78 -7.20 -1.48
CA LEU A 298 -11.22 -7.63 -2.80
C LEU A 298 -11.55 -6.43 -3.69
N LEU A 299 -12.37 -5.51 -3.17
CA LEU A 299 -12.82 -4.38 -3.95
C LEU A 299 -11.66 -3.50 -4.41
N THR A 300 -10.74 -3.18 -3.50
CA THR A 300 -9.67 -2.26 -3.85
C THR A 300 -8.64 -2.90 -4.78
N SER A 301 -8.32 -4.18 -4.59
CA SER A 301 -7.45 -4.85 -5.54
C SER A 301 -8.09 -4.91 -6.92
N SER A 302 -9.38 -5.24 -6.97
CA SER A 302 -10.08 -5.26 -8.25
C SER A 302 -10.09 -3.88 -8.90
N ILE A 303 -10.28 -2.84 -8.09
CA ILE A 303 -10.30 -1.48 -8.62
C ILE A 303 -8.94 -1.11 -9.20
N ASN A 304 -7.87 -1.47 -8.51
CA ASN A 304 -6.53 -1.17 -9.03
C ASN A 304 -6.33 -1.84 -10.38
N CYS A 305 -6.61 -3.15 -10.47
CA CYS A 305 -6.36 -3.84 -11.72
C CYS A 305 -7.29 -3.38 -12.84
N ILE A 306 -8.57 -3.16 -12.54
CA ILE A 306 -9.50 -2.66 -13.55
C ILE A 306 -9.13 -1.25 -13.98
N THR A 307 -8.60 -0.42 -13.08
CA THR A 307 -8.14 0.90 -13.47
C THR A 307 -6.99 0.81 -14.44
N SER A 308 -6.04 -0.08 -14.18
CA SER A 308 -4.95 -0.28 -15.14
C SER A 308 -5.50 -0.71 -16.50
N PHE A 309 -6.41 -1.69 -16.49
CA PHE A 309 -6.96 -2.19 -17.75
C PHE A 309 -7.70 -1.10 -18.52
N VAL A 310 -8.51 -0.30 -17.82
CA VAL A 310 -9.27 0.76 -18.48
C VAL A 310 -8.37 1.90 -18.95
N SER A 311 -7.34 2.26 -18.19
CA SER A 311 -6.43 3.31 -18.60
C SER A 311 -5.61 2.90 -19.82
N GLY A 312 -5.34 1.60 -19.97
CA GLY A 312 -4.70 1.15 -21.20
C GLY A 312 -5.47 1.49 -22.45
N PHE A 313 -6.81 1.52 -22.38
CA PHE A 313 -7.61 1.89 -23.54
C PHE A 313 -7.33 3.31 -23.98
N ALA A 314 -7.31 4.26 -23.04
CA ALA A 314 -6.98 5.64 -23.39
C ALA A 314 -5.54 5.76 -23.88
N ILE A 315 -4.61 5.10 -23.19
CA ILE A 315 -3.21 5.17 -23.59
C ILE A 315 -3.05 4.73 -25.03
N PHE A 316 -3.69 3.61 -25.40
CA PHE A 316 -3.48 3.09 -26.74
C PHE A 316 -4.39 3.71 -27.78
N SER A 317 -5.48 4.35 -27.37
CA SER A 317 -6.16 5.26 -28.29
C SER A 317 -5.22 6.37 -28.72
N ILE A 318 -4.53 6.99 -27.76
CA ILE A 318 -3.60 8.05 -28.10
C ILE A 318 -2.41 7.50 -28.88
N LEU A 319 -1.94 6.31 -28.53
CA LEU A 319 -0.82 5.72 -29.27
C LEU A 319 -1.19 5.42 -30.71
N GLY A 320 -2.39 4.89 -30.94
CA GLY A 320 -2.83 4.66 -32.31
C GLY A 320 -3.02 5.95 -33.07
N TYR A 321 -3.54 6.99 -32.39
CA TYR A 321 -3.63 8.30 -33.02
C TYR A 321 -2.25 8.80 -33.43
N MET A 322 -1.26 8.65 -32.55
CA MET A 322 0.09 9.12 -32.86
C MET A 322 0.72 8.32 -34.00
N ALA A 323 0.50 7.00 -34.01
CA ALA A 323 1.01 6.17 -35.09
C ALA A 323 0.35 6.49 -36.43
N HIS A 324 -0.93 6.85 -36.41
CA HIS A 324 -1.61 7.29 -37.61
C HIS A 324 -1.19 8.68 -38.06
N GLU A 325 -0.80 9.55 -37.11
CA GLU A 325 -0.34 10.89 -37.46
C GLU A 325 1.05 10.87 -38.08
N HIS A 326 1.93 10.00 -37.59
CA HIS A 326 3.29 9.90 -38.11
C HIS A 326 3.43 8.82 -39.17
N LYS A 327 2.33 8.19 -39.57
CA LYS A 327 2.35 7.15 -40.59
C LYS A 327 3.30 6.02 -40.22
N VAL A 328 3.32 5.68 -38.92
CA VAL A 328 4.14 4.60 -38.41
C VAL A 328 3.23 3.55 -37.79
N ASN A 329 3.81 2.47 -37.29
CA ASN A 329 3.06 1.41 -36.62
C ASN A 329 3.10 1.61 -35.11
N ILE A 330 2.22 0.87 -34.42
CA ILE A 330 2.13 1.00 -32.97
C ILE A 330 3.46 0.65 -32.31
N GLU A 331 4.16 -0.35 -32.85
CA GLU A 331 5.43 -0.75 -32.28
C GLU A 331 6.41 0.42 -32.21
N ASP A 332 6.35 1.33 -33.18
CA ASP A 332 7.28 2.44 -33.23
C ASP A 332 6.99 3.50 -32.18
N VAL A 333 5.72 3.73 -31.86
CA VAL A 333 5.33 4.79 -30.94
C VAL A 333 5.11 4.24 -29.54
N ALA A 334 4.71 2.97 -29.46
CA ALA A 334 4.39 2.37 -28.17
C ALA A 334 5.57 2.49 -27.22
N THR A 335 5.33 3.08 -26.04
CA THR A 335 6.37 3.31 -25.06
C THR A 335 5.75 3.23 -23.67
N GLU A 336 6.61 3.31 -22.66
CA GLU A 336 6.20 3.21 -21.26
C GLU A 336 7.01 4.16 -20.40
N GLY A 337 6.57 4.29 -19.14
CA GLY A 337 7.30 5.07 -18.16
C GLY A 337 7.14 6.56 -18.36
N ALA A 338 8.08 7.34 -17.82
CA ALA A 338 8.04 8.79 -17.97
C ALA A 338 8.04 9.21 -19.43
N GLY A 339 8.70 8.45 -20.30
CA GLY A 339 8.71 8.80 -21.70
C GLY A 339 7.32 8.91 -22.29
N LEU A 340 6.47 7.92 -22.02
CA LEU A 340 5.10 7.97 -22.54
C LEU A 340 4.43 9.26 -22.14
N VAL A 341 4.17 9.45 -20.84
CA VAL A 341 3.32 10.54 -20.38
C VAL A 341 3.97 11.91 -20.46
N PHE A 342 5.29 11.99 -20.67
CA PHE A 342 5.96 13.28 -20.74
C PHE A 342 6.50 13.63 -22.12
N ILE A 343 6.41 12.73 -23.10
CA ILE A 343 6.82 13.05 -24.45
C ILE A 343 5.70 12.69 -25.41
N LEU A 344 5.26 11.43 -25.40
CA LEU A 344 4.32 10.97 -26.41
C LEU A 344 2.95 11.56 -26.18
N TYR A 345 2.50 11.59 -24.92
CA TYR A 345 1.17 12.13 -24.63
C TYR A 345 1.14 13.63 -24.80
N PRO A 346 2.11 14.40 -24.32
CA PRO A 346 2.13 15.85 -24.64
C PRO A 346 2.14 16.14 -26.12
N GLU A 347 2.90 15.36 -26.90
CA GLU A 347 2.93 15.58 -28.34
C GLU A 347 1.56 15.33 -28.96
N ALA A 348 0.88 14.27 -28.54
CA ALA A 348 -0.48 14.02 -29.04
C ALA A 348 -1.41 15.14 -28.64
N ILE A 349 -1.31 15.61 -27.40
CA ILE A 349 -2.16 16.68 -26.92
C ILE A 349 -1.97 17.94 -27.75
N SER A 350 -0.71 18.25 -28.09
CA SER A 350 -0.41 19.46 -28.85
C SER A 350 -1.05 19.45 -30.23
N THR A 351 -1.48 18.29 -30.74
CA THR A 351 -2.11 18.18 -32.04
C THR A 351 -3.64 18.16 -31.97
N LEU A 352 -4.21 18.17 -30.77
CA LEU A 352 -5.65 18.07 -30.60
C LEU A 352 -6.30 19.45 -30.58
N SER A 353 -7.62 19.46 -30.74
CA SER A 353 -8.41 20.66 -30.58
C SER A 353 -8.59 20.93 -29.08
N GLY A 354 -8.39 22.19 -28.68
CA GLY A 354 -8.37 22.49 -27.27
C GLY A 354 -7.20 21.83 -26.57
N SER A 355 -6.02 21.89 -27.18
CA SER A 355 -4.86 21.19 -26.62
C SER A 355 -4.54 21.67 -25.22
N THR A 356 -4.81 22.94 -24.93
CA THR A 356 -4.56 23.47 -23.59
C THR A 356 -5.42 22.75 -22.55
N PHE A 357 -6.70 22.57 -22.85
CA PHE A 357 -7.59 21.87 -21.91
C PHE A 357 -7.12 20.44 -21.68
N TRP A 358 -6.76 19.75 -22.75
CA TRP A 358 -6.32 18.36 -22.62
C TRP A 358 -5.02 18.26 -21.83
N ALA A 359 -4.06 19.16 -22.08
CA ALA A 359 -2.83 19.16 -21.31
C ALA A 359 -3.11 19.42 -19.83
N VAL A 360 -3.95 20.41 -19.54
CA VAL A 360 -4.26 20.75 -18.15
C VAL A 360 -4.89 19.55 -17.45
N VAL A 361 -5.89 18.93 -18.07
CA VAL A 361 -6.58 17.82 -17.40
C VAL A 361 -5.66 16.62 -17.28
N PHE A 362 -4.86 16.34 -18.31
CA PHE A 362 -3.96 15.20 -18.25
C PHE A 362 -2.94 15.35 -17.12
N PHE A 363 -2.38 16.54 -16.95
CA PHE A 363 -1.36 16.71 -15.93
C PHE A 363 -1.96 16.87 -14.54
N VAL A 364 -3.18 17.41 -14.45
CA VAL A 364 -3.92 17.33 -13.18
C VAL A 364 -4.17 15.88 -12.81
N MET A 365 -4.48 15.04 -13.80
CA MET A 365 -4.70 13.62 -13.54
C MET A 365 -3.42 12.94 -13.08
N LEU A 366 -2.29 13.28 -13.71
CA LEU A 366 -1.01 12.72 -13.25
C LEU A 366 -0.70 13.15 -11.82
N LEU A 367 -0.95 14.42 -11.51
CA LEU A 367 -0.74 14.91 -10.15
C LEU A 367 -1.62 14.17 -9.15
N ALA A 368 -2.89 13.98 -9.50
CA ALA A 368 -3.81 13.28 -8.61
C ALA A 368 -3.40 11.81 -8.45
N LEU A 369 -2.92 11.19 -9.52
CA LEU A 369 -2.46 9.81 -9.44
C LEU A 369 -1.28 9.68 -8.50
N GLY A 370 -0.34 10.61 -8.56
CA GLY A 370 0.86 10.51 -7.76
C GLY A 370 0.72 11.00 -6.34
N LEU A 371 -0.15 11.97 -6.11
CA LEU A 371 -0.19 12.65 -4.82
C LEU A 371 -0.71 11.74 -3.72
N ASP A 372 -1.77 10.98 -3.97
CA ASP A 372 -2.30 10.10 -2.95
C ASP A 372 -1.41 8.88 -2.71
N SER A 373 -0.62 8.47 -3.70
CA SER A 373 0.36 7.42 -3.47
C SER A 373 1.51 7.94 -2.60
N SER A 374 1.95 9.18 -2.84
CA SER A 374 2.91 9.79 -1.94
C SER A 374 2.32 9.94 -0.53
N MET A 375 1.04 10.32 -0.44
CA MET A 375 0.38 10.38 0.85
C MET A 375 0.42 9.03 1.56
N GLY A 376 0.07 7.96 0.86
CA GLY A 376 0.11 6.64 1.47
C GLY A 376 1.50 6.25 1.91
N GLY A 377 2.49 6.49 1.06
CA GLY A 377 3.86 6.15 1.39
C GLY A 377 4.39 6.90 2.60
N MET A 378 4.06 8.19 2.71
CA MET A 378 4.49 8.96 3.87
C MET A 378 3.69 8.61 5.11
N GLU A 379 2.41 8.27 4.95
CA GLU A 379 1.62 7.81 6.08
C GLU A 379 2.17 6.51 6.63
N ALA A 380 2.66 5.63 5.75
CA ALA A 380 3.32 4.42 6.25
C ALA A 380 4.44 4.79 7.22
N VAL A 381 5.33 5.69 6.82
CA VAL A 381 6.44 6.09 7.68
C VAL A 381 5.92 6.74 8.95
N ILE A 382 5.01 7.69 8.81
CA ILE A 382 4.57 8.46 9.98
C ILE A 382 3.87 7.57 10.98
N THR A 383 2.93 6.75 10.51
CA THR A 383 2.20 5.85 11.41
C THR A 383 3.15 4.83 12.03
N GLY A 384 4.02 4.22 11.22
CA GLY A 384 4.91 3.20 11.76
C GLY A 384 5.84 3.74 12.82
N LEU A 385 6.38 4.94 12.61
CA LEU A 385 7.32 5.50 13.56
C LEU A 385 6.65 6.20 14.73
N ALA A 386 5.41 6.66 14.56
CA ALA A 386 4.65 7.19 15.69
C ALA A 386 4.15 6.11 16.61
N ASP A 387 3.79 4.94 16.07
CA ASP A 387 3.46 3.81 16.90
C ASP A 387 4.64 3.32 17.71
N ASP A 388 5.86 3.45 17.18
CA ASP A 388 7.07 3.00 17.86
C ASP A 388 7.56 4.01 18.90
N PHE A 389 7.35 5.29 18.66
CA PHE A 389 7.80 6.35 19.56
C PHE A 389 6.61 7.23 19.92
N GLN A 390 6.40 7.42 21.23
CA GLN A 390 5.26 8.19 21.70
C GLN A 390 5.46 9.68 21.46
N VAL A 391 6.70 10.16 21.53
CA VAL A 391 6.98 11.56 21.25
C VAL A 391 6.50 11.92 19.85
N LEU A 392 6.74 11.03 18.89
CA LEU A 392 6.29 11.28 17.53
C LEU A 392 4.77 11.24 17.42
N LYS A 393 4.12 10.35 18.18
CA LYS A 393 2.67 10.25 18.13
C LYS A 393 2.00 11.49 18.73
N ARG A 394 2.53 12.02 19.82
CA ARG A 394 1.94 13.22 20.42
C ARG A 394 2.33 14.50 19.70
N HIS A 395 3.32 14.43 18.80
CA HIS A 395 3.71 15.56 17.96
C HIS A 395 3.57 15.08 16.51
N ARG A 396 2.35 15.19 15.98
CA ARG A 396 2.10 14.76 14.61
C ARG A 396 2.51 15.82 13.60
N LYS A 397 2.26 17.10 13.90
CA LYS A 397 2.60 18.14 12.96
C LYS A 397 4.11 18.29 12.82
N LEU A 398 4.84 18.30 13.93
CA LEU A 398 6.29 18.39 13.88
C LEU A 398 6.94 17.16 13.22
N PHE A 399 6.45 15.96 13.52
CA PHE A 399 7.02 14.76 12.92
C PHE A 399 6.67 14.65 11.43
N THR A 400 5.45 15.05 11.05
CA THR A 400 5.11 15.12 9.62
C THR A 400 5.98 16.13 8.90
N PHE A 401 6.24 17.28 9.53
CA PHE A 401 7.15 18.25 8.93
C PHE A 401 8.54 17.66 8.78
N GLY A 402 9.03 16.96 9.81
CA GLY A 402 10.33 16.33 9.70
C GLY A 402 10.40 15.36 8.54
N VAL A 403 9.38 14.50 8.41
CA VAL A 403 9.38 13.52 7.33
C VAL A 403 9.34 14.21 5.97
N THR A 404 8.44 15.17 5.79
CA THR A 404 8.31 15.83 4.50
C THR A 404 9.52 16.68 4.15
N PHE A 405 10.12 17.34 5.13
CA PHE A 405 11.32 18.13 4.89
C PHE A 405 12.52 17.26 4.57
N SER A 406 12.66 16.12 5.25
CA SER A 406 13.72 15.18 4.88
C SER A 406 13.51 14.66 3.46
N THR A 407 12.26 14.34 3.12
CA THR A 407 11.97 13.89 1.76
C THR A 407 12.33 14.96 0.73
N PHE A 408 11.97 16.21 1.02
CA PHE A 408 12.33 17.31 0.14
C PHE A 408 13.84 17.43 -0.03
N LEU A 409 14.57 17.42 1.09
CA LEU A 409 16.02 17.60 1.03
C LEU A 409 16.69 16.48 0.27
N LEU A 410 16.28 15.24 0.48
CA LEU A 410 16.91 14.12 -0.19
C LEU A 410 16.35 13.86 -1.59
N ALA A 411 15.23 14.49 -1.95
CA ALA A 411 14.76 14.52 -3.31
C ALA A 411 15.39 15.66 -4.11
N LEU A 412 16.05 16.59 -3.44
CA LEU A 412 16.80 17.62 -4.14
C LEU A 412 17.86 17.03 -5.07
N PHE A 413 18.35 15.82 -4.80
CA PHE A 413 19.29 15.16 -5.70
C PHE A 413 18.66 14.78 -7.03
N CYS A 414 17.37 14.41 -7.02
CA CYS A 414 16.69 13.94 -8.21
C CYS A 414 16.16 15.08 -9.08
N ILE A 415 16.23 16.32 -8.61
CA ILE A 415 15.88 17.49 -9.42
C ILE A 415 17.11 18.27 -9.84
N THR A 416 18.30 17.72 -9.64
CA THR A 416 19.52 18.29 -10.19
C THR A 416 19.54 18.08 -11.71
N LYS A 417 20.54 18.66 -12.36
CA LYS A 417 20.66 18.51 -13.80
C LYS A 417 20.83 17.05 -14.19
N GLY A 418 21.65 16.31 -13.44
CA GLY A 418 21.76 14.88 -13.62
C GLY A 418 20.88 14.14 -12.64
N GLY A 419 19.73 14.73 -12.31
CA GLY A 419 18.79 14.12 -11.39
C GLY A 419 18.06 12.93 -11.93
N ILE A 420 17.98 12.80 -13.26
CA ILE A 420 17.36 11.61 -13.85
C ILE A 420 18.21 10.37 -13.55
N TYR A 421 19.53 10.53 -13.48
CA TYR A 421 20.39 9.40 -13.13
C TYR A 421 20.17 8.95 -11.69
N VAL A 422 20.11 9.90 -10.76
CA VAL A 422 19.81 9.57 -9.38
C VAL A 422 18.43 8.95 -9.27
N LEU A 423 17.45 9.48 -10.01
CA LEU A 423 16.11 8.93 -9.99
C LEU A 423 16.09 7.50 -10.53
N THR A 424 16.86 7.24 -11.58
CA THR A 424 16.94 5.88 -12.12
C THR A 424 17.55 4.93 -11.10
N LEU A 425 18.64 5.34 -10.45
CA LEU A 425 19.27 4.51 -9.44
C LEU A 425 18.31 4.21 -8.31
N LEU A 426 17.57 5.23 -7.84
CA LEU A 426 16.63 5.02 -6.76
C LEU A 426 15.44 4.16 -7.19
N ASP A 427 14.83 4.47 -8.33
CA ASP A 427 13.74 3.67 -8.83
C ASP A 427 14.14 2.22 -9.07
N THR A 428 15.42 1.94 -9.28
CA THR A 428 15.90 0.57 -9.37
C THR A 428 16.13 -0.09 -8.03
N PHE A 429 16.75 0.60 -7.07
CA PHE A 429 17.28 -0.05 -5.88
C PHE A 429 16.58 0.30 -4.58
N ALA A 430 15.60 1.20 -4.59
CA ALA A 430 14.96 1.61 -3.33
C ALA A 430 13.89 0.61 -2.92
N ALA A 431 12.94 0.31 -3.81
CA ALA A 431 11.97 -0.74 -3.57
C ALA A 431 11.96 -1.66 -4.79
N GLY A 432 12.95 -2.55 -4.82
CA GLY A 432 12.99 -3.64 -5.78
C GLY A 432 13.08 -4.97 -5.05
N THR A 433 14.25 -5.57 -5.14
CA THR A 433 14.56 -6.75 -4.34
C THR A 433 14.37 -6.46 -2.85
N SER A 434 14.66 -5.25 -2.41
CA SER A 434 14.54 -4.93 -0.98
C SER A 434 13.09 -5.01 -0.52
N ILE A 435 12.18 -4.35 -1.25
CA ILE A 435 10.78 -4.40 -0.85
C ILE A 435 10.21 -5.79 -1.05
N LEU A 436 10.64 -6.50 -2.09
CA LEU A 436 10.19 -7.87 -2.29
C LEU A 436 10.60 -8.76 -1.12
N PHE A 437 11.84 -8.63 -0.68
CA PHE A 437 12.33 -9.38 0.47
C PHE A 437 11.57 -9.00 1.73
N ALA A 438 11.33 -7.71 1.93
CA ALA A 438 10.60 -7.28 3.13
C ALA A 438 9.20 -7.85 3.16
N VAL A 439 8.50 -7.83 2.02
CA VAL A 439 7.15 -8.38 1.98
C VAL A 439 7.16 -9.89 2.14
N LEU A 440 8.16 -10.58 1.59
CA LEU A 440 8.28 -12.02 1.81
C LEU A 440 8.48 -12.32 3.28
N MET A 441 9.32 -11.54 3.96
CA MET A 441 9.53 -11.74 5.40
C MET A 441 8.25 -11.45 6.17
N GLU A 442 7.49 -10.43 5.78
CA GLU A 442 6.20 -10.18 6.42
C GLU A 442 5.28 -11.39 6.27
N ALA A 443 5.16 -11.90 5.05
CA ALA A 443 4.27 -13.03 4.79
C ALA A 443 4.69 -14.24 5.61
N ILE A 444 5.99 -14.52 5.65
CA ILE A 444 6.48 -15.65 6.45
C ILE A 444 6.18 -15.41 7.92
N GLY A 445 6.54 -14.24 8.46
CA GLY A 445 6.36 -13.98 9.87
C GLY A 445 4.91 -14.06 10.31
N VAL A 446 3.98 -13.70 9.42
CA VAL A 446 2.57 -13.77 9.76
C VAL A 446 2.01 -15.18 9.60
N SER A 447 2.25 -15.82 8.46
CA SER A 447 1.58 -17.06 8.13
C SER A 447 2.31 -18.31 8.63
N TRP A 448 3.55 -18.20 9.12
CA TRP A 448 4.29 -19.37 9.56
C TRP A 448 4.67 -19.23 11.03
N PHE A 449 5.27 -18.09 11.38
CA PHE A 449 5.76 -17.91 12.74
C PHE A 449 4.64 -17.49 13.68
N TYR A 450 3.91 -16.44 13.31
CA TYR A 450 2.71 -16.09 14.07
C TYR A 450 1.65 -17.18 13.93
N GLY A 451 1.40 -17.63 12.71
CA GLY A 451 0.45 -18.72 12.48
C GLY A 451 -0.73 -18.25 11.66
N VAL A 452 -0.95 -18.93 10.54
CA VAL A 452 -2.14 -18.66 9.73
C VAL A 452 -3.40 -19.00 10.51
N ASP A 453 -3.34 -19.99 11.40
CA ASP A 453 -4.50 -20.31 12.24
C ASP A 453 -4.78 -19.18 13.23
N ARG A 454 -3.74 -18.61 13.85
CA ARG A 454 -3.95 -17.47 14.73
C ARG A 454 -4.48 -16.27 13.96
N PHE A 455 -3.96 -16.05 12.74
CA PHE A 455 -4.45 -14.96 11.92
C PHE A 455 -5.92 -15.14 11.57
N SER A 456 -6.32 -16.38 11.26
CA SER A 456 -7.71 -16.67 10.97
C SER A 456 -8.59 -16.44 12.20
N ASN A 457 -8.11 -16.83 13.38
CA ASN A 457 -8.85 -16.53 14.60
C ASN A 457 -9.00 -15.04 14.82
N ASP A 458 -7.94 -14.27 14.54
CA ASP A 458 -8.01 -12.82 14.66
C ASP A 458 -9.04 -12.25 13.70
N ILE A 459 -9.07 -12.75 12.47
CA ILE A 459 -10.04 -12.27 11.49
C ILE A 459 -11.46 -12.63 11.92
N GLN A 460 -11.65 -13.82 12.50
CA GLN A 460 -12.96 -14.20 13.00
C GLN A 460 -13.41 -13.28 14.13
N GLN A 461 -12.48 -12.90 15.00
CA GLN A 461 -12.83 -12.01 16.10
C GLN A 461 -13.41 -10.70 15.59
N MET A 462 -12.94 -10.22 14.44
CA MET A 462 -13.42 -8.96 13.87
C MET A 462 -14.65 -9.13 13.01
N MET A 463 -14.69 -10.17 12.17
CA MET A 463 -15.76 -10.32 11.19
C MET A 463 -16.72 -11.47 11.48
N GLY A 464 -16.40 -12.33 12.46
CA GLY A 464 -17.28 -13.42 12.80
C GLY A 464 -17.15 -14.65 11.93
N PHE A 465 -16.28 -14.63 10.93
CA PHE A 465 -16.01 -15.79 10.11
C PHE A 465 -14.50 -15.94 9.97
N ARG A 466 -14.07 -17.16 9.86
CA ARG A 466 -12.66 -17.39 9.58
C ARG A 466 -12.43 -17.40 8.06
N PRO A 467 -11.28 -16.91 7.59
CA PRO A 467 -10.98 -17.00 6.17
C PRO A 467 -11.00 -18.45 5.70
N GLY A 468 -11.47 -18.65 4.47
CA GLY A 468 -11.58 -19.99 3.93
C GLY A 468 -10.22 -20.62 3.68
N LEU A 469 -10.25 -21.93 3.43
CA LEU A 469 -9.01 -22.66 3.20
C LEU A 469 -8.21 -22.07 2.05
N TYR A 470 -8.90 -21.46 1.07
CA TYR A 470 -8.20 -20.83 -0.04
C TYR A 470 -7.26 -19.72 0.45
N TRP A 471 -7.77 -18.82 1.30
CA TRP A 471 -6.97 -17.70 1.75
C TRP A 471 -5.84 -18.16 2.67
N ARG A 472 -6.12 -19.13 3.54
CA ARG A 472 -5.07 -19.66 4.40
C ARG A 472 -3.96 -20.32 3.59
N LEU A 473 -4.34 -21.13 2.59
CA LEU A 473 -3.36 -21.74 1.71
C LEU A 473 -2.57 -20.69 0.96
N CYS A 474 -3.23 -19.66 0.44
CA CYS A 474 -2.52 -18.61 -0.28
C CYS A 474 -1.57 -17.84 0.62
N TRP A 475 -1.95 -17.61 1.87
CA TRP A 475 -1.11 -16.90 2.83
C TRP A 475 0.11 -17.73 3.25
N LYS A 476 -0.07 -19.03 3.43
CA LYS A 476 1.00 -19.86 3.95
C LYS A 476 1.93 -20.41 2.87
N PHE A 477 1.42 -20.71 1.67
CA PHE A 477 2.22 -21.38 0.65
C PHE A 477 2.32 -20.60 -0.65
N VAL A 478 1.21 -20.05 -1.15
CA VAL A 478 1.21 -19.49 -2.50
C VAL A 478 1.81 -18.09 -2.51
N SER A 479 1.25 -17.18 -1.70
CA SER A 479 1.82 -15.85 -1.62
C SER A 479 3.29 -15.87 -1.21
N PRO A 480 3.71 -16.65 -0.20
CA PRO A 480 5.15 -16.80 0.03
C PRO A 480 5.90 -17.36 -1.18
N ALA A 481 5.33 -18.34 -1.87
CA ALA A 481 6.00 -18.89 -3.04
C ALA A 481 6.07 -17.88 -4.18
N PHE A 482 4.99 -17.13 -4.39
CA PHE A 482 5.00 -16.08 -5.40
C PHE A 482 6.05 -15.02 -5.08
N LEU A 483 6.13 -14.60 -3.82
CA LEU A 483 7.11 -13.58 -3.42
C LEU A 483 8.53 -14.11 -3.57
N LEU A 484 8.77 -15.38 -3.21
CA LEU A 484 10.09 -15.95 -3.40
C LEU A 484 10.45 -16.02 -4.88
N PHE A 485 9.50 -16.41 -5.73
CA PHE A 485 9.74 -16.45 -7.16
C PHE A 485 10.09 -15.07 -7.68
N VAL A 486 9.38 -14.03 -7.21
CA VAL A 486 9.63 -12.69 -7.70
C VAL A 486 10.97 -12.16 -7.21
N VAL A 487 11.35 -12.44 -5.95
CA VAL A 487 12.69 -12.07 -5.48
C VAL A 487 13.76 -12.77 -6.31
N VAL A 488 13.59 -14.07 -6.56
CA VAL A 488 14.61 -14.81 -7.27
C VAL A 488 14.78 -14.28 -8.69
N VAL A 489 13.67 -13.99 -9.38
CA VAL A 489 13.79 -13.44 -10.73
C VAL A 489 14.36 -12.03 -10.69
N SER A 490 14.00 -11.22 -9.68
CA SER A 490 14.55 -9.87 -9.59
C SER A 490 16.05 -9.90 -9.43
N ILE A 491 16.56 -10.82 -8.61
CA ILE A 491 18.00 -10.97 -8.46
C ILE A 491 18.65 -11.54 -9.72
N ILE A 492 18.04 -12.57 -10.30
CA ILE A 492 18.62 -13.23 -11.46
C ILE A 492 18.61 -12.29 -12.66
N ASN A 493 17.47 -11.63 -12.92
CA ASN A 493 17.31 -10.80 -14.11
C ASN A 493 17.74 -9.36 -13.86
N PHE A 494 18.61 -9.11 -12.88
CA PHE A 494 19.15 -7.78 -12.68
C PHE A 494 19.99 -7.39 -13.89
N LYS A 495 19.75 -6.19 -14.42
CA LYS A 495 20.59 -5.62 -15.45
C LYS A 495 21.38 -4.46 -14.89
N PRO A 496 22.68 -4.35 -15.16
CA PRO A 496 23.44 -3.21 -14.65
C PRO A 496 22.75 -1.89 -14.97
N LEU A 497 23.04 -0.88 -14.15
CA LEU A 497 22.31 0.38 -14.21
C LEU A 497 22.63 1.11 -15.52
N THR A 498 21.56 1.55 -16.20
CA THR A 498 21.71 2.31 -17.43
C THR A 498 20.50 3.21 -17.59
N TYR A 499 20.70 4.35 -18.26
CA TYR A 499 19.61 5.25 -18.64
C TYR A 499 19.79 5.61 -20.11
N ASP A 500 18.86 5.16 -20.95
CA ASP A 500 18.96 5.37 -22.39
C ASP A 500 20.31 4.86 -22.88
N ASP A 501 21.14 5.75 -23.44
CA ASP A 501 22.46 5.38 -23.92
C ASP A 501 23.53 5.54 -22.85
N TYR A 502 23.19 6.08 -21.69
CA TYR A 502 24.16 6.26 -20.62
C TYR A 502 24.28 5.00 -19.79
N ILE A 503 25.51 4.60 -19.50
CA ILE A 503 25.81 3.43 -18.69
C ILE A 503 26.46 3.94 -17.41
N PHE A 504 25.84 3.64 -16.27
CA PHE A 504 26.32 4.17 -15.01
C PHE A 504 27.69 3.59 -14.68
N PRO A 505 28.52 4.31 -13.93
CA PRO A 505 29.80 3.76 -13.51
C PRO A 505 29.62 2.64 -12.52
N PRO A 506 30.63 1.79 -12.32
CA PRO A 506 30.48 0.70 -11.33
C PRO A 506 30.14 1.20 -9.95
N TRP A 507 30.71 2.33 -9.51
CA TRP A 507 30.42 2.83 -8.17
C TRP A 507 28.97 3.22 -8.01
N ALA A 508 28.31 3.68 -9.08
CA ALA A 508 26.88 3.94 -9.01
C ALA A 508 26.09 2.65 -8.77
N ASN A 509 26.47 1.56 -9.45
CA ASN A 509 25.82 0.28 -9.18
C ASN A 509 26.06 -0.17 -7.75
N TRP A 510 27.28 0.04 -7.24
CA TRP A 510 27.57 -0.32 -5.85
C TRP A 510 26.74 0.51 -4.88
N VAL A 511 26.58 1.81 -5.17
CA VAL A 511 25.75 2.66 -4.32
C VAL A 511 24.30 2.19 -4.35
N GLY A 512 23.81 1.80 -5.53
CA GLY A 512 22.46 1.28 -5.61
C GLY A 512 22.28 0.00 -4.82
N TRP A 513 23.24 -0.92 -4.93
CA TRP A 513 23.18 -2.14 -4.14
C TRP A 513 23.25 -1.85 -2.65
N GLY A 514 24.04 -0.86 -2.24
CA GLY A 514 24.06 -0.45 -0.85
C GLY A 514 22.74 0.12 -0.38
N ILE A 515 22.07 0.89 -1.23
CA ILE A 515 20.73 1.37 -0.89
C ILE A 515 19.78 0.21 -0.73
N ALA A 516 19.87 -0.77 -1.63
CA ALA A 516 19.01 -1.95 -1.52
C ALA A 516 19.29 -2.72 -0.23
N LEU A 517 20.57 -2.88 0.13
CA LEU A 517 20.95 -3.64 1.30
C LEU A 517 20.69 -2.89 2.61
N SER A 518 20.60 -1.56 2.58
CA SER A 518 20.45 -0.81 3.81
C SER A 518 19.17 -1.20 4.54
N SER A 519 18.07 -1.32 3.82
CA SER A 519 16.82 -1.74 4.45
C SER A 519 16.80 -3.24 4.68
N MET A 520 17.38 -4.02 3.78
CA MET A 520 17.33 -5.48 3.90
C MET A 520 18.11 -6.00 5.09
N VAL A 521 19.20 -5.33 5.48
CA VAL A 521 20.00 -5.81 6.60
C VAL A 521 19.34 -5.50 7.93
N LEU A 522 18.33 -4.62 7.95
CA LEU A 522 17.64 -4.32 9.21
C LEU A 522 16.94 -5.55 9.76
N VAL A 523 16.52 -6.47 8.91
CA VAL A 523 15.82 -7.66 9.33
C VAL A 523 16.79 -8.54 10.13
N PRO A 524 17.88 -9.05 9.53
CA PRO A 524 18.84 -9.81 10.33
C PRO A 524 19.45 -8.99 11.45
N ILE A 525 19.68 -7.70 11.24
CA ILE A 525 20.27 -6.87 12.28
C ILE A 525 19.32 -6.78 13.47
N TYR A 526 18.04 -6.56 13.21
CA TYR A 526 17.09 -6.50 14.32
C TYR A 526 16.95 -7.86 14.99
N VAL A 527 17.00 -8.95 14.22
CA VAL A 527 16.92 -10.27 14.84
C VAL A 527 18.09 -10.46 15.80
N ILE A 528 19.30 -10.10 15.37
CA ILE A 528 20.47 -10.23 16.24
C ILE A 528 20.33 -9.34 17.46
N TYR A 529 19.89 -8.09 17.27
CA TYR A 529 19.74 -7.17 18.39
C TYR A 529 18.72 -7.70 19.39
N LYS A 530 17.58 -8.19 18.90
CA LYS A 530 16.54 -8.70 19.78
C LYS A 530 17.02 -9.94 20.52
N PHE A 531 17.75 -10.82 19.84
CA PHE A 531 18.27 -12.00 20.50
C PHE A 531 19.25 -11.63 21.60
N LEU A 532 20.15 -10.68 21.32
CA LEU A 532 21.18 -10.32 22.29
C LEU A 532 20.66 -9.44 23.43
N SER A 533 19.58 -8.69 23.20
CA SER A 533 19.02 -7.82 24.22
C SER A 533 17.97 -8.50 25.09
N THR A 534 17.66 -9.77 24.82
CA THR A 534 16.70 -10.54 25.60
C THR A 534 17.44 -11.46 26.55
N GLN A 535 17.15 -11.34 27.85
CA GLN A 535 17.80 -12.16 28.85
C GLN A 535 17.23 -13.58 28.84
N GLY A 536 18.09 -14.56 29.09
CA GLY A 536 17.66 -15.94 29.17
C GLY A 536 18.56 -16.88 28.39
N SER A 537 18.20 -18.16 28.37
CA SER A 537 18.94 -19.14 27.58
C SER A 537 18.63 -18.97 26.10
N LEU A 538 19.28 -19.76 25.26
CA LEU A 538 19.07 -19.65 23.82
C LEU A 538 17.62 -19.93 23.46
N TRP A 539 17.05 -21.01 24.01
CA TRP A 539 15.66 -21.33 23.73
C TRP A 539 14.71 -20.30 24.33
N GLU A 540 15.01 -19.78 25.51
CA GLU A 540 14.18 -18.73 26.08
C GLU A 540 14.21 -17.48 25.20
N ARG A 541 15.39 -17.10 24.70
CA ARG A 541 15.49 -15.94 23.82
C ARG A 541 14.72 -16.16 22.52
N LEU A 542 14.84 -17.35 21.93
CA LEU A 542 14.09 -17.65 20.71
C LEU A 542 12.59 -17.60 20.97
N ALA A 543 12.14 -18.17 22.09
CA ALA A 543 10.72 -18.15 22.43
C ALA A 543 10.21 -16.73 22.62
N TYR A 544 10.97 -15.90 23.32
CA TYR A 544 10.58 -14.51 23.50
C TYR A 544 10.56 -13.75 22.18
N GLY A 545 11.44 -14.12 21.25
CA GLY A 545 11.47 -13.48 19.96
C GLY A 545 10.40 -13.92 18.98
N ILE A 546 9.84 -15.11 19.14
CA ILE A 546 8.77 -15.60 18.28
C ILE A 546 7.41 -15.56 18.95
N THR A 547 7.37 -15.38 20.27
CA THR A 547 6.10 -15.31 20.98
C THR A 547 5.55 -13.89 20.95
N PRO A 548 4.23 -13.71 20.81
CA PRO A 548 3.67 -12.36 20.91
C PRO A 548 4.00 -11.73 22.26
N GLU A 549 4.23 -10.41 22.25
CA GLU A 549 4.69 -9.74 23.44
C GLU A 549 3.67 -9.78 24.57
N ASN A 550 2.39 -9.98 24.25
CA ASN A 550 1.36 -10.13 25.29
C ASN A 550 1.21 -11.57 25.75
N GLU A 551 2.03 -12.49 25.23
CA GLU A 551 2.04 -13.87 25.68
C GLU A 551 3.40 -14.28 26.23
N HIS A 552 4.27 -13.31 26.52
CA HIS A 552 5.60 -13.63 27.01
C HIS A 552 5.59 -14.17 28.43
N HIS A 553 4.46 -14.08 29.13
CA HIS A 553 4.34 -14.72 30.43
C HIS A 553 4.18 -16.24 30.33
N LEU A 554 3.95 -16.76 29.12
CA LEU A 554 3.88 -18.20 28.90
C LEU A 554 5.23 -18.82 28.58
N VAL A 555 6.21 -18.02 28.16
CA VAL A 555 7.53 -18.56 27.87
C VAL A 555 8.14 -19.18 29.12
N ALA A 556 7.91 -18.56 30.29
CA ALA A 556 8.38 -19.14 31.54
C ALA A 556 7.74 -20.50 31.79
N GLN A 557 6.46 -20.64 31.43
CA GLN A 557 5.75 -21.91 31.59
C GLN A 557 6.17 -22.94 30.55
N ARG A 558 7.06 -22.59 29.62
CA ARG A 558 7.54 -23.50 28.59
C ARG A 558 6.41 -23.98 27.67
N ASP A 559 5.40 -23.13 27.48
CA ASP A 559 4.29 -23.41 26.56
C ASP A 559 4.44 -22.47 25.37
N ILE A 560 5.21 -22.91 24.38
CA ILE A 560 5.43 -22.15 23.15
C ILE A 560 4.94 -23.01 22.00
N ARG A 561 3.96 -22.49 21.25
CA ARG A 561 3.36 -23.27 20.17
C ARG A 561 4.31 -23.45 19.00
N GLN A 562 5.16 -22.48 18.73
CA GLN A 562 6.13 -22.58 17.64
C GLN A 562 7.18 -23.66 17.88
N PHE A 563 7.29 -24.17 19.10
CA PHE A 563 8.19 -25.25 19.42
C PHE A 563 7.54 -26.62 19.22
N GLN A 564 6.31 -26.66 18.73
CA GLN A 564 5.62 -27.89 18.41
C GLN A 564 5.34 -27.93 16.91
N LEU A 565 5.34 -29.14 16.36
CA LEU A 565 5.14 -29.32 14.93
C LEU A 565 3.70 -29.04 14.51
N GLN A 566 2.74 -29.13 15.43
CA GLN A 566 1.35 -28.81 15.10
C GLN A 566 1.22 -27.36 14.65
N HIS A 567 2.01 -26.46 15.21
CA HIS A 567 1.97 -25.07 14.77
C HIS A 567 2.37 -24.94 13.30
N TRP A 568 3.43 -25.64 12.89
CA TRP A 568 3.96 -25.47 11.55
C TRP A 568 3.17 -26.28 10.52
N LEU A 569 2.48 -27.33 10.96
CA LEU A 569 1.59 -28.08 10.08
C LEU A 569 0.17 -27.54 10.08
N ALA A 570 -0.07 -26.42 10.75
CA ALA A 570 -1.41 -25.86 10.90
C ALA A 570 -1.69 -24.94 9.71
N ILE A 571 -2.60 -25.39 8.85
CA ILE A 571 -3.04 -24.58 7.71
C ILE A 571 -4.48 -24.17 7.93
N VAL B 2 -14.41 7.27 29.22
CA VAL B 2 -15.05 5.95 28.93
C VAL B 2 -14.84 5.01 30.11
N GLN B 3 -15.93 4.37 30.55
CA GLN B 3 -15.88 3.46 31.67
C GLN B 3 -16.78 2.25 31.39
N LEU B 4 -16.37 1.09 31.90
CA LEU B 4 -17.08 -0.16 31.69
C LEU B 4 -17.16 -0.89 33.03
N VAL B 5 -18.37 -1.16 33.50
CA VAL B 5 -18.61 -1.84 34.76
C VAL B 5 -19.26 -3.17 34.45
N GLU B 6 -18.65 -4.26 34.92
CA GLU B 6 -19.18 -5.60 34.70
C GLU B 6 -19.87 -6.09 35.97
N SER B 7 -21.04 -6.70 35.79
CA SER B 7 -21.78 -7.25 36.90
C SER B 7 -22.60 -8.45 36.42
N GLY B 8 -22.99 -9.30 37.35
CA GLY B 8 -23.78 -10.48 37.06
C GLY B 8 -23.05 -11.79 37.25
N GLY B 9 -21.75 -11.77 37.51
CA GLY B 9 -21.01 -13.00 37.69
C GLY B 9 -21.22 -13.61 39.06
N GLY B 10 -20.87 -14.88 39.17
CA GLY B 10 -21.01 -15.58 40.44
C GLY B 10 -20.80 -17.06 40.28
N LEU B 11 -21.39 -17.82 41.20
CA LEU B 11 -21.31 -19.28 41.20
C LEU B 11 -22.61 -19.85 40.62
N VAL B 12 -22.48 -20.69 39.59
CA VAL B 12 -23.62 -21.31 38.94
C VAL B 12 -23.36 -22.80 38.83
N GLN B 13 -24.44 -23.55 38.64
CA GLN B 13 -24.34 -24.99 38.43
C GLN B 13 -24.12 -25.29 36.95
N ALA B 14 -23.49 -26.43 36.69
CA ALA B 14 -23.29 -26.85 35.31
C ALA B 14 -24.64 -26.95 34.61
N GLY B 15 -24.72 -26.38 33.40
CA GLY B 15 -25.97 -26.29 32.69
C GLY B 15 -26.86 -25.15 33.16
N GLY B 16 -26.38 -24.30 34.07
CA GLY B 16 -27.16 -23.19 34.54
C GLY B 16 -27.04 -21.97 33.64
N SER B 17 -27.89 -20.98 33.92
CA SER B 17 -27.94 -19.74 33.15
C SER B 17 -27.40 -18.58 33.99
N LEU B 18 -26.75 -17.65 33.31
CA LEU B 18 -26.16 -16.48 33.96
C LEU B 18 -26.08 -15.35 32.96
N ARG B 19 -26.51 -14.15 33.36
CA ARG B 19 -26.52 -12.98 32.51
C ARG B 19 -25.54 -11.96 33.05
N LEU B 20 -24.50 -11.65 32.28
CA LEU B 20 -23.56 -10.60 32.64
C LEU B 20 -24.01 -9.28 32.03
N SER B 21 -23.77 -8.20 32.78
CA SER B 21 -24.13 -6.86 32.37
C SER B 21 -22.87 -6.02 32.22
N CYS B 22 -22.86 -5.16 31.22
CA CYS B 22 -21.73 -4.27 30.94
C CYS B 22 -22.26 -2.85 30.87
N ALA B 23 -22.27 -2.16 32.01
CA ALA B 23 -22.72 -0.78 32.08
C ALA B 23 -21.64 0.12 31.50
N ALA B 24 -21.95 0.80 30.40
CA ALA B 24 -21.00 1.64 29.70
C ALA B 24 -21.33 3.11 29.92
N SER B 25 -20.28 3.92 30.05
CA SER B 25 -20.41 5.36 30.18
C SER B 25 -19.32 6.02 29.34
N GLY B 26 -19.60 7.22 28.86
CA GLY B 26 -18.66 7.98 28.06
C GLY B 26 -18.76 7.74 26.58
N PHE B 27 -19.58 6.79 26.13
CA PHE B 27 -19.77 6.52 24.72
C PHE B 27 -21.11 5.83 24.54
N PRO B 28 -21.70 5.91 23.35
CA PRO B 28 -22.95 5.17 23.08
C PRO B 28 -22.63 3.75 22.63
N VAL B 29 -23.19 2.77 23.35
CA VAL B 29 -22.94 1.38 23.00
C VAL B 29 -23.66 0.98 21.72
N TYR B 30 -24.70 1.72 21.31
CA TYR B 30 -25.49 1.31 20.16
C TYR B 30 -24.71 1.43 18.85
N GLN B 31 -23.60 2.18 18.84
CA GLN B 31 -22.76 2.31 17.65
C GLN B 31 -21.34 1.84 17.90
N ALA B 32 -21.08 1.17 19.03
CA ALA B 32 -19.74 0.79 19.42
C ALA B 32 -19.53 -0.71 19.23
N ASN B 33 -18.29 -1.09 18.98
CA ASN B 33 -17.91 -2.49 18.92
C ASN B 33 -17.64 -2.97 20.33
N MET B 34 -18.59 -3.71 20.90
CA MET B 34 -18.54 -4.14 22.28
C MET B 34 -18.21 -5.63 22.30
N TYR B 35 -17.11 -5.98 22.96
CA TYR B 35 -16.59 -7.33 22.96
C TYR B 35 -16.56 -7.88 24.38
N TRP B 36 -16.76 -9.19 24.48
CA TRP B 36 -16.62 -9.92 25.73
C TRP B 36 -15.45 -10.87 25.61
N TYR B 37 -14.58 -10.89 26.62
CA TYR B 37 -13.46 -11.82 26.69
C TYR B 37 -13.54 -12.58 28.00
N ARG B 38 -12.77 -13.66 28.09
CA ARG B 38 -12.69 -14.44 29.31
C ARG B 38 -11.25 -14.87 29.52
N GLN B 39 -10.85 -14.99 30.78
CA GLN B 39 -9.53 -15.49 31.15
C GLN B 39 -9.67 -16.48 32.29
N ALA B 40 -9.56 -17.77 31.97
CA ALA B 40 -9.67 -18.82 32.98
C ALA B 40 -8.31 -19.10 33.61
N LYS B 43 -4.86 -19.40 31.75
CA LYS B 43 -4.86 -19.38 30.30
C LYS B 43 -4.76 -17.95 29.78
N GLU B 44 -4.77 -17.80 28.46
CA GLU B 44 -4.77 -16.49 27.83
C GLU B 44 -6.18 -15.94 27.75
N ARG B 45 -6.29 -14.62 27.65
CA ARG B 45 -7.59 -14.00 27.45
C ARG B 45 -8.16 -14.46 26.12
N GLU B 46 -9.42 -14.89 26.15
CA GLU B 46 -10.07 -15.52 25.00
C GLU B 46 -11.32 -14.72 24.63
N TRP B 47 -11.43 -14.39 23.35
CA TRP B 47 -12.61 -13.71 22.86
C TRP B 47 -13.84 -14.61 23.02
N VAL B 48 -14.94 -14.02 23.46
CA VAL B 48 -16.18 -14.74 23.73
C VAL B 48 -17.26 -14.38 22.73
N ALA B 49 -17.67 -13.11 22.71
CA ALA B 49 -18.75 -12.67 21.84
C ALA B 49 -18.59 -11.18 21.60
N ALA B 50 -19.29 -10.68 20.60
CA ALA B 50 -19.24 -9.27 20.26
C ALA B 50 -20.55 -8.84 19.64
N ILE B 51 -21.03 -7.68 20.06
CA ILE B 51 -22.10 -6.96 19.36
C ILE B 51 -21.45 -5.73 18.75
N GLN B 52 -21.54 -5.61 17.44
CA GLN B 52 -20.69 -4.70 16.69
C GLN B 52 -21.45 -3.43 16.30
N SER B 53 -20.74 -2.54 15.61
CA SER B 53 -21.23 -1.18 15.40
C SER B 53 -22.63 -1.17 14.79
N GLU B 54 -22.92 -2.10 13.89
CA GLU B 54 -24.21 -2.16 13.21
C GLU B 54 -25.16 -3.17 13.83
N GLY B 55 -24.86 -3.65 15.04
CA GLY B 55 -25.73 -4.57 15.74
C GLY B 55 -25.46 -6.04 15.45
N ARG B 56 -24.46 -6.36 14.64
CA ARG B 56 -24.14 -7.75 14.35
C ARG B 56 -23.56 -8.42 15.58
N THR B 57 -24.10 -9.59 15.93
CA THR B 57 -23.63 -10.38 17.05
C THR B 57 -22.81 -11.55 16.52
N ILE B 58 -21.57 -11.66 16.98
CA ILE B 58 -20.68 -12.73 16.60
C ILE B 58 -20.15 -13.39 17.86
N TYR B 59 -19.93 -14.70 17.79
CA TYR B 59 -19.56 -15.50 18.95
C TYR B 59 -18.36 -16.38 18.62
N ALA B 60 -17.55 -16.65 19.63
CA ALA B 60 -16.50 -17.65 19.51
C ALA B 60 -17.10 -19.03 19.38
N ASP B 61 -16.38 -19.93 18.71
CA ASP B 61 -16.90 -21.27 18.46
C ASP B 61 -17.24 -21.99 19.76
N SER B 62 -16.45 -21.75 20.81
CA SER B 62 -16.68 -22.44 22.07
C SER B 62 -18.03 -22.11 22.67
N VAL B 63 -18.51 -20.87 22.48
CA VAL B 63 -19.73 -20.40 23.12
C VAL B 63 -20.90 -20.26 22.15
N LYS B 64 -20.67 -20.41 20.85
CA LYS B 64 -21.74 -20.26 19.89
C LYS B 64 -22.87 -21.23 20.19
N GLY B 65 -24.10 -20.72 20.19
CA GLY B 65 -25.28 -21.50 20.49
C GLY B 65 -25.66 -21.49 21.96
N ARG B 66 -24.74 -21.09 22.84
CA ARG B 66 -25.01 -21.02 24.28
C ARG B 66 -25.05 -19.61 24.82
N PHE B 67 -24.22 -18.71 24.30
CA PHE B 67 -24.16 -17.33 24.76
C PHE B 67 -24.92 -16.44 23.79
N THR B 68 -25.55 -15.39 24.32
CA THR B 68 -26.27 -14.41 23.52
C THR B 68 -25.86 -13.02 23.97
N ILE B 69 -25.16 -12.30 23.12
CA ILE B 69 -24.77 -10.93 23.40
C ILE B 69 -25.86 -9.98 22.91
N SER B 70 -26.19 -8.99 23.74
CA SER B 70 -27.21 -8.02 23.40
C SER B 70 -26.88 -6.72 24.09
N ARG B 71 -27.47 -5.62 23.60
CA ARG B 71 -27.23 -4.30 24.13
C ARG B 71 -28.56 -3.58 24.34
N ASP B 72 -28.59 -2.72 25.35
CA ASP B 72 -29.74 -1.86 25.63
C ASP B 72 -29.29 -0.42 25.44
N ASN B 73 -29.76 0.20 24.35
CA ASN B 73 -29.34 1.57 24.04
C ASN B 73 -29.79 2.53 25.13
N SER B 74 -31.00 2.36 25.66
CA SER B 74 -31.50 3.27 26.67
C SER B 74 -30.63 3.23 27.93
N LYS B 75 -30.23 2.05 28.36
CA LYS B 75 -29.39 1.89 29.54
C LYS B 75 -27.90 1.96 29.24
N ASN B 76 -27.51 2.01 27.97
CA ASN B 76 -26.11 1.98 27.57
C ASN B 76 -25.41 0.77 28.19
N THR B 77 -26.08 -0.37 28.15
CA THR B 77 -25.61 -1.59 28.76
C THR B 77 -25.54 -2.70 27.71
N VAL B 78 -24.47 -3.49 27.77
CA VAL B 78 -24.33 -4.68 26.95
C VAL B 78 -24.50 -5.90 27.85
N TYR B 79 -25.27 -6.87 27.37
CA TYR B 79 -25.59 -8.06 28.13
C TYR B 79 -24.98 -9.29 27.49
N LEU B 80 -24.62 -10.27 28.32
CA LEU B 80 -24.12 -11.55 27.86
C LEU B 80 -24.93 -12.64 28.59
N GLN B 81 -25.94 -13.17 27.90
CA GLN B 81 -26.76 -14.23 28.47
C GLN B 81 -26.05 -15.56 28.26
N MET B 82 -25.50 -16.10 29.33
CA MET B 82 -24.74 -17.35 29.30
C MET B 82 -25.68 -18.48 29.70
N ASN B 83 -26.00 -19.34 28.74
CA ASN B 83 -26.88 -20.48 28.96
C ASN B 83 -26.08 -21.78 28.85
N SER B 84 -26.61 -22.82 29.48
CA SER B 84 -26.01 -24.15 29.46
C SER B 84 -24.51 -24.07 29.80
N LEU B 85 -24.23 -23.36 30.88
CA LEU B 85 -22.84 -23.13 31.26
C LEU B 85 -22.16 -24.43 31.67
N LYS B 86 -20.85 -24.47 31.47
CA LYS B 86 -20.04 -25.63 31.75
C LYS B 86 -18.81 -25.23 32.55
N PRO B 87 -18.19 -26.16 33.27
CA PRO B 87 -17.01 -25.80 34.08
C PRO B 87 -15.89 -25.17 33.28
N GLU B 88 -15.75 -25.52 32.01
CA GLU B 88 -14.75 -24.86 31.16
C GLU B 88 -15.08 -23.39 30.92
N ASP B 89 -16.30 -22.95 31.23
CA ASP B 89 -16.68 -21.55 31.12
C ASP B 89 -16.32 -20.74 32.35
N THR B 90 -15.77 -21.37 33.38
CA THR B 90 -15.33 -20.64 34.56
C THR B 90 -14.15 -19.75 34.20
N ALA B 91 -14.32 -18.44 34.39
CA ALA B 91 -13.29 -17.47 34.04
C ALA B 91 -13.74 -16.10 34.51
N VAL B 92 -12.83 -15.14 34.40
CA VAL B 92 -13.15 -13.73 34.60
C VAL B 92 -13.51 -13.15 33.25
N TYR B 93 -14.73 -12.65 33.12
CA TYR B 93 -15.25 -12.18 31.84
C TYR B 93 -15.08 -10.67 31.76
N TYR B 94 -14.38 -10.21 30.74
CA TYR B 94 -14.08 -8.80 30.54
C TYR B 94 -14.92 -8.25 29.39
N CYS B 95 -15.60 -7.15 29.66
CA CYS B 95 -16.28 -6.37 28.61
C CYS B 95 -15.29 -5.37 28.04
N ASN B 96 -15.28 -5.26 26.71
CA ASN B 96 -14.32 -4.43 26.02
C ASN B 96 -15.03 -3.63 24.94
N VAL B 97 -14.67 -2.36 24.80
CA VAL B 97 -15.12 -1.52 23.71
C VAL B 97 -13.91 -1.28 22.81
N LYS B 98 -13.92 -1.85 21.62
CA LYS B 98 -12.82 -1.64 20.68
C LYS B 98 -12.82 -0.21 20.16
N ASP B 99 -13.99 0.29 19.77
CA ASP B 99 -14.16 1.66 19.29
C ASP B 99 -15.66 1.95 19.33
N ALA B 100 -16.02 3.17 18.93
CA ALA B 100 -17.41 3.62 18.91
C ALA B 100 -17.88 3.89 17.49
N GLY B 101 -17.27 3.23 16.50
CA GLY B 101 -17.65 3.41 15.12
C GLY B 101 -16.57 4.04 14.27
N TRP B 102 -16.98 4.86 13.29
CA TRP B 102 -16.03 5.42 12.33
C TRP B 102 -15.46 6.75 12.80
N ALA B 103 -16.32 7.75 13.01
CA ALA B 103 -15.86 9.07 13.46
C ALA B 103 -15.70 9.06 14.98
N SER B 104 -14.82 8.19 15.45
CA SER B 104 -14.65 7.94 16.87
C SER B 104 -13.19 7.59 17.12
N TYR B 105 -12.93 7.01 18.29
CA TYR B 105 -11.58 6.64 18.70
C TYR B 105 -11.53 5.16 19.04
N GLN B 106 -10.37 4.57 18.87
CA GLN B 106 -10.13 3.18 19.26
C GLN B 106 -9.84 3.15 20.76
N TYR B 107 -10.90 3.13 21.56
CA TYR B 107 -10.74 3.15 23.00
C TYR B 107 -10.01 1.90 23.49
N ASP B 108 -10.42 0.73 23.01
CA ASP B 108 -9.93 -0.54 23.54
C ASP B 108 -9.90 -0.51 25.06
N TYR B 109 -10.96 0.02 25.64
CA TYR B 109 -11.09 0.12 27.09
C TYR B 109 -11.64 -1.19 27.63
N TRP B 110 -11.03 -1.67 28.72
CA TRP B 110 -11.44 -2.91 29.37
C TRP B 110 -12.03 -2.62 30.73
N GLY B 111 -13.04 -3.39 31.10
CA GLY B 111 -13.56 -3.37 32.45
C GLY B 111 -12.66 -4.17 33.37
N GLN B 112 -12.98 -4.11 34.66
CA GLN B 112 -12.22 -4.84 35.65
C GLN B 112 -12.49 -6.33 35.63
N GLY B 113 -13.55 -6.76 34.96
CA GLY B 113 -13.85 -8.18 34.84
C GLY B 113 -14.82 -8.65 35.90
N THR B 114 -15.67 -9.60 35.55
CA THR B 114 -16.61 -10.23 36.47
C THR B 114 -16.32 -11.72 36.53
N GLN B 115 -16.18 -12.25 37.73
CA GLN B 115 -15.82 -13.64 37.91
C GLN B 115 -17.05 -14.53 37.77
N VAL B 116 -16.97 -15.51 36.89
CA VAL B 116 -18.02 -16.51 36.71
C VAL B 116 -17.44 -17.87 37.07
N THR B 117 -18.10 -18.57 37.99
CA THR B 117 -17.70 -19.90 38.43
C THR B 117 -18.85 -20.86 38.18
N VAL B 118 -18.55 -22.00 37.58
CA VAL B 118 -19.56 -22.99 37.22
C VAL B 118 -19.27 -24.27 37.99
N SER B 119 -20.28 -24.80 38.67
CA SER B 119 -20.15 -26.04 39.43
C SER B 119 -18.98 -25.95 40.41
#